data_6JLQ
#
_entry.id   6JLQ
#
_cell.length_a   217.230
_cell.length_b   217.230
_cell.length_c   223.933
_cell.angle_alpha   90.000
_cell.angle_beta   90.000
_cell.angle_gamma   120.000
#
_symmetry.space_group_name_H-M   'P 61 2 2'
#
loop_
_entity.id
_entity.type
_entity.pdbx_description
1 polymer 'Ubiquitin carboxyl-terminal hydrolase 46'
2 polymer 'WD repeat-containing protein 48'
3 polymer 'WD repeat-containing protein 20,highly similar to WD repeat protein 20,WD repeat-containing protein 20'
4 non-polymer 'ZINC ION'
5 non-polymer GLYCEROL
6 non-polymer 'PHOSPHATE ION'
#
loop_
_entity_poly.entity_id
_entity_poly.type
_entity_poly.pdbx_seq_one_letter_code
_entity_poly.pdbx_strand_id
1 'polypeptide(L)'
;MGPEQFPINEHYFGLVNFGNTCYCNSVLQALYFCRPFRENVLAYKAQQKKKENLLTCLADLFHSIATQKKKVGVIPPKKF
ISRLRKENDLFDNYMQQDAHEFLNYLLNTIADILQEEKKQEKQNGKLKNGNMNEPAENNKPELTWVHEIFQGTLTNETRC
LNCETVSSKDEDFLDLSVDVEQNTSITHCLRDFSNTETLCSEQKYYCETCCSKQEAQKRMRVKKLPMILALHLKRFKYME
QLHRYTKLSYRVVFPLELRLFNTSSDAVNLDRMYDLVAVVVHCGSGPNRGHYITIVKSHGFWLLFDDDIVEKIDAQAIEE
FYGLTSDISKNSESGYILFYQSRELEHHHHHH
;
A
2 'polypeptide(L)'
;MSYYDYKDDDDKSGSGHHHHHHDYDIPTTENLYFQGAMGSMAAHHRQNTAGRRKVQVSYVIRDEVEKYNRNGVNALQLDP
ALNRLFTAGRDSIIRIWSVNQHKQDPYIASMEHHTDWVNDIVLCCNGKTLISASSDTTVKVWNAHKGFCMSTLRTHKDYV
KALAYAKDKELVASAGLDRQIFLWDVNTLTALTASNNTVTTSSLSGNKDSIYSLAMNQLGTIIVSGSTEKVLRVWDPRTC
AKLMKLKGHTDNVKALLLNRDGTQCLSGSSDGTIRLWSLGQQRCIATYRVHDEGVWALQVNDAFTHVYSGGRDRKIYCTD
LRNPDIRVLICEEKAPVLKMELDRSADPPPAIWVATTKSTVNKWTLKGIHNFRASGDYDNDCTNPITPLCTQPDQVIKGG
ASIIQCHILNDKRHILTKDTNNNVAYWDVLKACKVEDLGKVDFEDEIKKRFKMVYVPNWFSVDLKTGMLTITLDESDCFA
AWVSAKDAGFSSPDGSDPKLNLGGLLLQALLEYWPRTHVNPMDEEENEVNHVNGEQENRVQKGNGYFQVPPHTPVIFGEA
GGRTLFRLLCRDSGGETESMLLNETVPQWVIDITVDKNMPKFNKIPFYLQPHASSGAKTL
;
B
3 'polypeptide(L)'
;MGHHHHHHMATEGGGKEMNEIKTQFTTREGLYKLLPHSEYSRPNRVPFNSQGSNPVRVSFVNLNDQSGNGDRLCFNVGRE
LYFYIYKGVRKAADLSKPIDKRIYKGTQPTCHDFNHLTATAESVSLLVGFSAGQVQLIDPIKKETSKLFNEERLIDKSRV
TCVKWVPGSESLFLVAHSSGNMYLYNVEHTCGTTAPHYQLLKQGESFAVHTCKSKSTRNPLLKWTVGEGALNEFAFSPDG
KFLACVSQDGFLRVFNFDSVELHGTMKSYFGGLLCVCWSPDGKYIVTGGEDDLVTVWSFVDCRVIARGHGHKSWVSVVAF
DPYTTSGGGGSVSVTYRFGSVGQDTQLCLWDLTEDILFPHQPLGGGGSGGGGSGGGGSGGGGSLGTPLCPRMEDVPLLEP
LICKKIAHERLTVLIFLEDCIVTACQEGFICTWGRPGKVVSFNP
;
C
#
# COMPACT_ATOMS: atom_id res chain seq x y z
N PHE A 13 45.75 6.33 -0.38
CA PHE A 13 46.70 7.21 -1.04
C PHE A 13 46.20 8.66 -1.05
N GLY A 14 45.14 8.90 -1.83
CA GLY A 14 44.57 10.23 -1.93
C GLY A 14 44.69 10.85 -3.31
N LEU A 15 43.75 11.72 -3.67
CA LEU A 15 43.74 12.38 -4.96
C LEU A 15 43.80 13.90 -4.77
N VAL A 16 44.42 14.57 -5.73
CA VAL A 16 44.66 16.01 -5.62
C VAL A 16 43.39 16.77 -5.99
N ASN A 17 42.92 17.62 -5.08
CA ASN A 17 41.77 18.49 -5.32
C ASN A 17 42.29 19.81 -5.90
N PHE A 18 42.25 19.92 -7.24
CA PHE A 18 42.75 21.13 -7.89
C PHE A 18 41.83 22.32 -7.70
N GLY A 19 40.59 22.10 -7.27
CA GLY A 19 39.61 23.16 -7.14
C GLY A 19 38.32 22.85 -7.86
N ASN A 20 37.24 22.68 -7.09
CA ASN A 20 35.95 22.20 -7.60
C ASN A 20 36.06 20.84 -8.27
N THR A 21 37.14 20.11 -7.99
CA THR A 21 37.32 18.74 -8.44
C THR A 21 36.81 17.73 -7.42
N CYS A 22 36.24 18.21 -6.30
CA CYS A 22 35.78 17.32 -5.25
C CYS A 22 34.79 16.29 -5.79
N TYR A 23 33.82 16.74 -6.59
CA TYR A 23 32.81 15.81 -7.07
C TYR A 23 33.34 14.81 -8.08
N CYS A 24 34.53 15.05 -8.65
CA CYS A 24 35.18 14.05 -9.47
C CYS A 24 36.04 13.11 -8.64
N ASN A 25 36.71 13.65 -7.61
CA ASN A 25 37.50 12.82 -6.70
C ASN A 25 36.58 11.93 -5.86
N SER A 26 35.50 12.49 -5.33
CA SER A 26 34.62 11.75 -4.43
C SER A 26 34.11 10.47 -5.08
N VAL A 27 33.56 10.58 -6.28
CA VAL A 27 33.06 9.40 -6.97
C VAL A 27 34.22 8.50 -7.40
N LEU A 28 35.34 9.09 -7.81
CA LEU A 28 36.49 8.30 -8.25
C LEU A 28 36.98 7.36 -7.15
N GLN A 29 37.19 7.90 -5.95
CA GLN A 29 37.52 7.06 -4.80
C GLN A 29 36.40 6.06 -4.52
N ALA A 30 35.15 6.55 -4.52
CA ALA A 30 34.02 5.66 -4.26
C ALA A 30 33.92 4.58 -5.34
N LEU A 31 34.18 4.93 -6.60
CA LEU A 31 34.09 3.95 -7.67
C LEU A 31 35.18 2.89 -7.53
N TYR A 32 36.39 3.29 -7.12
CA TYR A 32 37.49 2.35 -6.97
C TYR A 32 37.11 1.22 -6.01
N PHE A 33 36.76 1.57 -4.78
CA PHE A 33 36.61 0.58 -3.71
C PHE A 33 35.50 -0.43 -3.96
N CYS A 34 34.86 -0.35 -5.11
CA CYS A 34 34.00 -1.43 -5.59
C CYS A 34 34.91 -2.53 -6.11
N ARG A 35 35.14 -3.56 -5.29
CA ARG A 35 36.06 -4.63 -5.64
C ARG A 35 35.78 -5.27 -6.99
N PRO A 36 34.54 -5.55 -7.40
CA PRO A 36 34.32 -6.04 -8.77
C PRO A 36 34.64 -5.02 -9.83
N PHE A 37 34.47 -3.73 -9.54
CA PHE A 37 34.75 -2.70 -10.55
C PHE A 37 36.25 -2.47 -10.70
N ARG A 38 36.97 -2.36 -9.59
CA ARG A 38 38.41 -2.15 -9.66
C ARG A 38 39.14 -3.35 -10.29
N GLU A 39 38.52 -4.52 -10.29
CA GLU A 39 39.18 -5.70 -10.85
C GLU A 39 39.21 -5.65 -12.37
N ASN A 40 38.05 -5.56 -13.00
CA ASN A 40 37.94 -5.61 -14.45
C ASN A 40 38.36 -4.30 -15.14
N VAL A 41 38.85 -3.32 -14.39
CA VAL A 41 39.39 -2.11 -15.00
C VAL A 41 40.77 -2.36 -15.62
N LEU A 42 41.46 -3.42 -15.21
CA LEU A 42 42.82 -3.68 -15.68
C LEU A 42 42.89 -3.75 -17.21
N ALA A 43 41.81 -4.15 -17.87
CA ALA A 43 41.80 -4.21 -19.33
C ALA A 43 40.44 -3.79 -19.87
N LEU A 55 37.59 7.44 -19.55
CA LEU A 55 37.84 6.31 -20.43
C LEU A 55 39.11 5.57 -20.03
N THR A 56 40.03 5.38 -20.99
CA THR A 56 41.31 4.76 -20.68
C THR A 56 42.13 5.59 -19.71
N CYS A 57 41.84 6.88 -19.59
CA CYS A 57 42.55 7.71 -18.62
C CYS A 57 42.24 7.31 -17.19
N LEU A 58 41.04 6.76 -16.95
CA LEU A 58 40.70 6.30 -15.60
C LEU A 58 41.45 5.01 -15.26
N ALA A 59 41.66 4.13 -16.25
CA ALA A 59 42.42 2.91 -15.99
C ALA A 59 43.88 3.22 -15.72
N ASP A 60 44.40 4.32 -16.27
CA ASP A 60 45.78 4.71 -15.98
C ASP A 60 45.90 5.28 -14.58
N LEU A 61 44.90 6.06 -14.13
CA LEU A 61 44.93 6.59 -12.78
C LEU A 61 44.69 5.49 -11.74
N PHE A 62 43.93 4.46 -12.11
CA PHE A 62 43.72 3.35 -11.19
C PHE A 62 44.99 2.54 -11.00
N HIS A 63 45.78 2.38 -12.06
CA HIS A 63 47.05 1.67 -11.94
C HIS A 63 48.08 2.49 -11.19
N SER A 64 47.96 3.82 -11.22
CA SER A 64 48.90 4.68 -10.50
C SER A 64 48.76 4.50 -9.00
N ILE A 65 47.53 4.31 -8.51
CA ILE A 65 47.33 4.10 -7.08
C ILE A 65 47.80 2.71 -6.67
N ALA A 66 47.38 1.69 -7.43
CA ALA A 66 47.77 0.31 -7.14
C ALA A 66 49.17 0.03 -7.68
N ILE A 75 48.57 12.25 -5.75
CA ILE A 75 48.47 11.72 -7.10
C ILE A 75 47.62 12.66 -7.96
N PRO A 76 48.26 13.36 -8.89
CA PRO A 76 47.54 14.33 -9.72
C PRO A 76 46.71 13.63 -10.79
N PRO A 77 45.42 13.95 -10.87
CA PRO A 77 44.58 13.35 -11.92
C PRO A 77 44.46 14.23 -13.14
N LYS A 78 45.51 15.01 -13.45
CA LYS A 78 45.43 15.98 -14.53
C LYS A 78 45.16 15.33 -15.88
N LYS A 79 45.60 14.08 -16.05
CA LYS A 79 45.34 13.38 -17.31
C LYS A 79 43.86 13.06 -17.48
N PHE A 80 43.17 12.75 -16.39
CA PHE A 80 41.75 12.44 -16.46
C PHE A 80 40.86 13.67 -16.31
N ILE A 81 41.33 14.70 -15.61
CA ILE A 81 40.54 15.92 -15.43
C ILE A 81 40.41 16.66 -16.75
N SER A 82 41.54 17.00 -17.37
CA SER A 82 41.51 17.76 -18.62
C SER A 82 40.84 16.99 -19.75
N ARG A 83 40.93 15.65 -19.73
CA ARG A 83 40.24 14.86 -20.73
C ARG A 83 38.73 14.95 -20.57
N LEU A 84 38.25 15.11 -19.34
CA LEU A 84 36.82 15.24 -19.11
C LEU A 84 36.29 16.58 -19.60
N ARG A 85 37.10 17.64 -19.50
CA ARG A 85 36.65 18.96 -19.91
C ARG A 85 36.48 19.04 -21.42
N LYS A 86 37.42 18.45 -22.17
CA LYS A 86 37.34 18.45 -23.62
C LYS A 86 36.36 17.43 -24.16
N GLU A 87 36.06 16.37 -23.40
CA GLU A 87 35.13 15.35 -23.88
C GLU A 87 33.69 15.84 -23.80
N ASN A 88 33.32 16.44 -22.67
CA ASN A 88 31.96 16.93 -22.45
C ASN A 88 31.98 18.43 -22.28
N ASP A 89 31.13 19.13 -23.03
CA ASP A 89 31.06 20.58 -22.95
C ASP A 89 30.35 21.07 -21.69
N LEU A 90 29.57 20.20 -21.03
CA LEU A 90 28.87 20.61 -19.82
C LEU A 90 29.83 20.82 -18.66
N PHE A 91 30.96 20.12 -18.65
CA PHE A 91 31.94 20.20 -17.58
C PHE A 91 33.12 21.12 -17.92
N ASP A 92 32.98 21.95 -18.95
CA ASP A 92 34.08 22.83 -19.34
C ASP A 92 34.27 23.97 -18.35
N ASN A 93 33.23 24.38 -17.65
CA ASN A 93 33.33 25.48 -16.70
C ASN A 93 34.04 25.03 -15.43
N TYR A 94 34.45 26.03 -14.64
CA TYR A 94 35.16 25.77 -13.39
C TYR A 94 34.26 26.05 -12.19
N MET A 95 33.05 25.51 -12.20
CA MET A 95 32.08 25.68 -11.13
C MET A 95 31.77 24.33 -10.50
N GLN A 96 31.16 24.39 -9.32
CA GLN A 96 30.64 23.17 -8.70
C GLN A 96 29.52 22.58 -9.54
N GLN A 97 29.42 21.26 -9.51
CA GLN A 97 28.41 20.55 -10.28
C GLN A 97 27.98 19.29 -9.51
N ASP A 98 27.18 18.46 -10.17
CA ASP A 98 26.52 17.33 -9.55
C ASP A 98 27.34 16.07 -9.73
N ALA A 99 27.61 15.38 -8.62
CA ALA A 99 28.33 14.11 -8.68
C ALA A 99 27.47 13.03 -9.33
N HIS A 100 26.15 13.08 -9.17
CA HIS A 100 25.29 12.11 -9.81
C HIS A 100 25.30 12.27 -11.32
N GLU A 101 25.38 13.51 -11.81
CA GLU A 101 25.43 13.74 -13.25
C GLU A 101 26.72 13.22 -13.85
N PHE A 102 27.83 13.36 -13.12
CA PHE A 102 29.11 12.85 -13.61
C PHE A 102 29.20 11.33 -13.45
N LEU A 103 28.65 10.81 -12.35
CA LEU A 103 28.67 9.35 -12.16
C LEU A 103 27.86 8.65 -13.24
N ASN A 104 26.67 9.17 -13.56
CA ASN A 104 25.86 8.57 -14.61
C ASN A 104 26.51 8.74 -15.98
N TYR A 105 27.16 9.88 -16.21
CA TYR A 105 27.82 10.10 -17.50
C TYR A 105 29.08 9.25 -17.62
N LEU A 106 29.82 9.09 -16.52
CA LEU A 106 31.06 8.32 -16.59
C LEU A 106 30.81 6.85 -16.87
N LEU A 107 29.71 6.31 -16.34
CA LEU A 107 29.44 4.88 -16.51
C LEU A 107 28.99 4.55 -17.92
N ASN A 108 28.03 5.31 -18.46
CA ASN A 108 27.53 5.01 -19.80
C ASN A 108 28.52 5.39 -20.89
N THR A 109 29.44 6.32 -20.62
CA THR A 109 30.48 6.63 -21.60
C THR A 109 31.48 5.49 -21.71
N ILE A 110 31.85 4.89 -20.57
CA ILE A 110 32.70 3.71 -20.60
C ILE A 110 31.97 2.52 -21.21
N ALA A 111 30.64 2.51 -21.09
CA ALA A 111 29.87 1.37 -21.60
C ALA A 111 29.81 1.38 -23.13
N ASP A 112 29.61 2.54 -23.74
CA ASP A 112 29.46 2.58 -25.19
C ASP A 112 30.78 2.39 -25.91
N ILE A 113 31.90 2.84 -25.32
CA ILE A 113 33.20 2.58 -25.93
C ILE A 113 33.59 1.12 -25.79
N LEU A 114 33.10 0.45 -24.74
CA LEU A 114 33.31 -0.99 -24.62
C LEU A 114 32.47 -1.75 -25.63
N GLN A 115 31.27 -1.27 -25.91
CA GLN A 115 30.42 -1.92 -26.91
C GLN A 115 30.88 -1.62 -28.32
N GLU A 116 31.45 -0.42 -28.56
CA GLU A 116 31.93 -0.09 -29.89
C GLU A 116 33.24 -0.84 -30.19
N GLU A 117 34.10 -0.99 -29.19
CA GLU A 117 35.33 -1.74 -29.37
C GLU A 117 35.10 -3.24 -29.50
N LYS A 118 33.92 -3.71 -29.08
CA LYS A 118 33.57 -5.13 -29.16
C LYS A 118 32.92 -5.50 -30.48
N LYS A 119 33.02 -4.64 -31.50
CA LYS A 119 32.42 -4.94 -32.80
C LYS A 119 33.26 -5.92 -33.61
N GLN A 120 34.54 -6.06 -33.28
CA GLN A 120 35.42 -6.97 -34.01
C GLN A 120 35.45 -8.35 -33.36
N GLU A 142 26.89 -8.73 -26.23
CA GLU A 142 26.30 -7.40 -26.13
C GLU A 142 26.33 -6.92 -24.68
N LEU A 143 26.26 -7.85 -23.74
CA LEU A 143 26.29 -7.54 -22.32
C LEU A 143 27.73 -7.26 -21.91
N THR A 144 28.08 -5.97 -21.82
CA THR A 144 29.42 -5.59 -21.40
C THR A 144 29.58 -5.79 -19.90
N TRP A 145 30.85 -5.84 -19.47
CA TRP A 145 31.12 -6.01 -18.04
C TRP A 145 30.75 -4.76 -17.24
N VAL A 146 30.62 -3.60 -17.89
CA VAL A 146 30.14 -2.41 -17.20
C VAL A 146 28.66 -2.56 -16.86
N HIS A 147 27.89 -3.18 -17.76
CA HIS A 147 26.49 -3.42 -17.49
C HIS A 147 26.29 -4.60 -16.54
N GLU A 148 27.16 -5.60 -16.60
CA GLU A 148 27.01 -6.77 -15.74
C GLU A 148 27.18 -6.43 -14.26
N ILE A 149 27.74 -5.27 -13.94
CA ILE A 149 28.05 -4.96 -12.54
C ILE A 149 27.08 -3.90 -12.03
N PHE A 150 26.61 -3.03 -12.92
CA PHE A 150 25.82 -1.88 -12.52
C PHE A 150 24.40 -1.86 -13.06
N GLN A 151 24.14 -2.46 -14.21
CA GLN A 151 22.85 -2.32 -14.87
C GLN A 151 21.80 -3.19 -14.18
N GLY A 152 20.79 -2.55 -13.60
CA GLY A 152 19.61 -3.22 -13.12
C GLY A 152 18.43 -2.92 -14.05
N THR A 153 17.32 -3.61 -13.80
CA THR A 153 16.13 -3.48 -14.62
C THR A 153 14.89 -3.36 -13.75
N LEU A 154 14.10 -2.31 -13.99
CA LEU A 154 12.82 -2.12 -13.34
C LEU A 154 11.74 -2.00 -14.41
N THR A 155 10.55 -2.52 -14.09
CA THR A 155 9.44 -2.56 -15.03
C THR A 155 8.33 -1.62 -14.58
N ASN A 156 7.75 -0.90 -15.54
CA ASN A 156 6.60 -0.03 -15.29
C ASN A 156 5.35 -0.81 -15.64
N GLU A 157 4.67 -1.33 -14.63
CA GLU A 157 3.50 -2.17 -14.81
C GLU A 157 2.23 -1.32 -14.86
N THR A 158 1.32 -1.68 -15.75
CA THR A 158 0.00 -1.06 -15.85
C THR A 158 -1.04 -2.15 -15.65
N ARG A 159 -1.90 -1.97 -14.65
CA ARG A 159 -2.82 -3.02 -14.20
C ARG A 159 -4.24 -2.49 -14.22
N CYS A 160 -5.06 -2.98 -15.15
CA CYS A 160 -6.46 -2.62 -15.19
C CYS A 160 -7.19 -3.22 -13.98
N LEU A 161 -7.92 -2.37 -13.25
CA LEU A 161 -8.56 -2.83 -12.02
C LEU A 161 -9.78 -3.71 -12.26
N ASN A 162 -10.26 -3.82 -13.50
CA ASN A 162 -11.44 -4.61 -13.78
C ASN A 162 -11.08 -6.04 -14.21
N CYS A 163 -10.30 -6.17 -15.28
CA CYS A 163 -9.88 -7.48 -15.76
C CYS A 163 -8.60 -7.97 -15.09
N GLU A 164 -7.83 -7.06 -14.49
CA GLU A 164 -6.59 -7.41 -13.78
C GLU A 164 -5.58 -8.06 -14.71
N THR A 165 -5.40 -7.45 -15.88
CA THR A 165 -4.34 -7.82 -16.82
C THR A 165 -3.21 -6.81 -16.69
N VAL A 166 -1.98 -7.31 -16.65
CA VAL A 166 -0.80 -6.49 -16.39
C VAL A 166 0.05 -6.44 -17.66
N SER A 167 0.39 -5.23 -18.08
CA SER A 167 1.29 -5.00 -19.21
C SER A 167 2.57 -4.35 -18.70
N SER A 168 3.70 -4.80 -19.23
CA SER A 168 5.01 -4.39 -18.74
C SER A 168 5.71 -3.45 -19.72
N LYS A 169 6.64 -2.68 -19.17
CA LYS A 169 7.48 -1.78 -19.97
C LYS A 169 8.78 -1.60 -19.19
N ASP A 170 9.81 -2.35 -19.56
CA ASP A 170 11.04 -2.40 -18.80
C ASP A 170 11.89 -1.15 -19.02
N GLU A 171 12.72 -0.84 -18.03
CA GLU A 171 13.67 0.26 -18.10
C GLU A 171 14.96 -0.18 -17.44
N ASP A 172 16.06 -0.16 -18.18
CA ASP A 172 17.37 -0.44 -17.62
C ASP A 172 17.92 0.82 -16.94
N PHE A 173 18.64 0.61 -15.84
CA PHE A 173 19.17 1.73 -15.09
C PHE A 173 20.52 1.35 -14.49
N LEU A 174 21.42 2.34 -14.41
CA LEU A 174 22.67 2.22 -13.69
C LEU A 174 22.58 2.83 -12.28
N ASP A 175 22.00 4.02 -12.18
CA ASP A 175 21.71 4.66 -10.91
C ASP A 175 20.21 4.60 -10.65
N LEU A 176 19.85 4.57 -9.37
CA LEU A 176 18.46 4.50 -8.94
C LEU A 176 18.13 5.82 -8.23
N SER A 177 17.53 6.76 -8.96
CA SER A 177 17.17 8.05 -8.41
C SER A 177 15.95 7.91 -7.51
N VAL A 178 16.12 8.18 -6.22
CA VAL A 178 15.07 8.02 -5.22
C VAL A 178 14.82 9.35 -4.54
N ASP A 179 13.55 9.67 -4.31
CA ASP A 179 13.19 10.93 -3.66
C ASP A 179 13.39 10.81 -2.14
N VAL A 180 13.40 11.97 -1.48
CA VAL A 180 13.80 12.07 -0.08
C VAL A 180 12.72 12.78 0.72
N GLU A 181 12.42 12.25 1.90
CA GLU A 181 11.51 12.88 2.86
C GLU A 181 12.22 13.02 4.20
N GLN A 182 11.66 13.86 5.06
CA GLN A 182 12.27 14.14 6.36
C GLN A 182 11.97 13.02 7.35
N ASN A 183 13.01 12.63 8.10
CA ASN A 183 12.91 11.59 9.13
C ASN A 183 12.42 10.27 8.54
N THR A 184 13.16 9.78 7.55
CA THR A 184 12.84 8.53 6.87
C THR A 184 14.10 7.70 6.73
N SER A 185 13.97 6.57 6.05
CA SER A 185 15.08 5.69 5.73
C SER A 185 15.06 5.38 4.25
N ILE A 186 16.20 4.88 3.74
CA ILE A 186 16.29 4.57 2.32
C ILE A 186 15.34 3.43 1.95
N THR A 187 15.09 2.51 2.89
CA THR A 187 14.18 1.42 2.58
C THR A 187 12.74 1.89 2.51
N HIS A 188 12.41 3.00 3.18
CA HIS A 188 11.10 3.62 2.99
C HIS A 188 11.06 4.51 1.75
N CYS A 189 12.18 5.19 1.45
CA CYS A 189 12.24 5.96 0.23
C CYS A 189 12.10 5.08 -1.01
N LEU A 190 12.60 3.85 -0.95
CA LEU A 190 12.39 2.90 -2.03
C LEU A 190 10.94 2.46 -2.12
N ARG A 191 10.25 2.37 -0.98
CA ARG A 191 8.81 2.11 -1.01
C ARG A 191 8.06 3.27 -1.66
N ASP A 192 8.48 4.50 -1.37
CA ASP A 192 7.88 5.67 -1.99
C ASP A 192 8.18 5.71 -3.49
N PHE A 193 9.36 5.23 -3.89
CA PHE A 193 9.69 5.17 -5.31
C PHE A 193 8.80 4.17 -6.04
N SER A 194 8.39 3.10 -5.36
CA SER A 194 7.55 2.06 -5.96
C SER A 194 6.09 2.19 -5.54
N ASN A 195 5.62 3.42 -5.31
CA ASN A 195 4.23 3.62 -4.96
C ASN A 195 3.32 3.33 -6.16
N THR A 196 2.03 3.23 -5.89
CA THR A 196 1.04 2.84 -6.88
C THR A 196 0.19 4.06 -7.24
N GLU A 197 0.40 4.60 -8.44
CA GLU A 197 -0.43 5.68 -8.95
C GLU A 197 -1.69 5.10 -9.57
N THR A 198 -2.82 5.79 -9.33
CA THR A 198 -4.12 5.31 -9.77
C THR A 198 -4.69 6.23 -10.83
N LEU A 199 -5.04 5.66 -11.98
CA LEU A 199 -5.75 6.39 -13.03
C LEU A 199 -7.25 6.15 -12.87
N CYS A 200 -8.01 7.21 -12.60
CA CYS A 200 -9.42 7.07 -12.30
C CYS A 200 -10.13 8.37 -12.63
N SER A 201 -11.46 8.35 -12.46
CA SER A 201 -12.33 9.51 -12.64
C SER A 201 -12.19 10.01 -14.07
N GLU A 202 -11.78 11.26 -14.31
CA GLU A 202 -11.68 11.78 -15.66
C GLU A 202 -10.47 11.25 -16.42
N GLN A 203 -9.54 10.58 -15.74
CA GLN A 203 -8.32 10.06 -16.35
C GLN A 203 -8.30 8.54 -16.36
N LYS A 204 -9.43 7.91 -16.68
CA LYS A 204 -9.48 6.46 -16.74
C LYS A 204 -8.61 5.94 -17.89
N TYR A 205 -8.17 4.70 -17.74
CA TYR A 205 -7.31 4.04 -18.71
C TYR A 205 -8.15 3.12 -19.59
N TYR A 206 -8.00 3.26 -20.90
CA TYR A 206 -8.72 2.40 -21.84
C TYR A 206 -8.06 1.04 -21.90
N CYS A 207 -8.79 0.01 -21.50
CA CYS A 207 -8.29 -1.37 -21.54
C CYS A 207 -8.83 -2.06 -22.79
N GLU A 208 -7.92 -2.64 -23.58
CA GLU A 208 -8.34 -3.28 -24.81
C GLU A 208 -9.12 -4.57 -24.55
N THR A 209 -8.83 -5.27 -23.46
CA THR A 209 -9.56 -6.49 -23.15
C THR A 209 -10.99 -6.17 -22.71
N CYS A 210 -11.18 -5.09 -21.98
CA CYS A 210 -12.51 -4.66 -21.55
C CYS A 210 -13.23 -3.82 -22.59
N CYS A 211 -12.51 -3.29 -23.58
CA CYS A 211 -13.10 -2.44 -24.62
C CYS A 211 -13.81 -1.23 -24.04
N SER A 212 -13.31 -0.73 -22.90
CA SER A 212 -13.93 0.40 -22.23
C SER A 212 -12.89 1.08 -21.35
N LYS A 213 -13.26 2.24 -20.82
CA LYS A 213 -12.40 2.98 -19.91
C LYS A 213 -12.63 2.49 -18.49
N GLN A 214 -11.58 1.95 -17.87
CA GLN A 214 -11.62 1.44 -16.51
C GLN A 214 -10.51 2.07 -15.70
N GLU A 215 -10.56 1.86 -14.39
CA GLU A 215 -9.48 2.32 -13.52
C GLU A 215 -8.26 1.43 -13.68
N ALA A 216 -7.09 2.02 -13.48
CA ALA A 216 -5.84 1.28 -13.63
C ALA A 216 -4.82 1.79 -12.62
N GLN A 217 -3.79 0.97 -12.39
CA GLN A 217 -2.74 1.26 -11.42
C GLN A 217 -1.38 1.14 -12.09
N LYS A 218 -0.67 2.26 -12.20
CA LYS A 218 0.71 2.25 -12.66
C LYS A 218 1.63 2.05 -11.46
N ARG A 219 2.69 1.26 -11.67
CA ARG A 219 3.56 0.89 -10.56
C ARG A 219 4.93 0.48 -11.11
N MET A 220 5.98 0.95 -10.46
CA MET A 220 7.35 0.58 -10.80
C MET A 220 7.88 -0.43 -9.79
N ARG A 221 8.58 -1.44 -10.31
CA ARG A 221 9.15 -2.49 -9.47
C ARG A 221 10.37 -3.06 -10.16
N VAL A 222 11.43 -3.28 -9.37
CA VAL A 222 12.69 -3.78 -9.94
C VAL A 222 12.49 -5.21 -10.40
N LYS A 223 12.94 -5.50 -11.62
CA LYS A 223 12.81 -6.82 -12.22
C LYS A 223 14.09 -7.66 -12.08
N LYS A 224 15.24 -7.06 -12.35
CA LYS A 224 16.53 -7.72 -12.22
C LYS A 224 17.40 -6.90 -11.28
N LEU A 225 17.94 -7.55 -10.25
CA LEU A 225 18.77 -6.86 -9.29
C LEU A 225 20.19 -6.68 -9.85
N PRO A 226 20.78 -5.51 -9.67
CA PRO A 226 22.16 -5.30 -10.14
C PRO A 226 23.17 -5.90 -9.17
N MET A 227 24.38 -6.10 -9.68
CA MET A 227 25.47 -6.59 -8.83
C MET A 227 25.87 -5.54 -7.81
N ILE A 228 25.88 -4.27 -8.20
CA ILE A 228 26.15 -3.15 -7.31
C ILE A 228 25.03 -2.14 -7.48
N LEU A 229 24.27 -1.89 -6.41
CA LEU A 229 23.15 -0.97 -6.45
C LEU A 229 23.62 0.42 -6.05
N ALA A 230 23.42 1.39 -6.93
CA ALA A 230 23.77 2.79 -6.69
C ALA A 230 22.50 3.56 -6.38
N LEU A 231 22.38 4.05 -5.14
CA LEU A 231 21.21 4.76 -4.68
C LEU A 231 21.50 6.25 -4.67
N HIS A 232 20.91 6.98 -5.61
CA HIS A 232 21.05 8.43 -5.67
C HIS A 232 19.90 9.07 -4.89
N LEU A 233 20.24 9.79 -3.82
CA LEU A 233 19.24 10.48 -3.00
C LEU A 233 19.03 11.88 -3.57
N LYS A 234 17.85 12.11 -4.15
CA LYS A 234 17.54 13.39 -4.78
C LYS A 234 17.37 14.46 -3.70
N ARG A 235 18.50 14.97 -3.22
CA ARG A 235 18.51 16.06 -2.25
C ARG A 235 18.40 17.43 -2.90
N PHE A 236 18.71 17.54 -4.18
CA PHE A 236 18.56 18.79 -4.94
C PHE A 236 17.23 18.75 -5.66
N LYS A 237 16.25 19.48 -5.14
CA LYS A 237 14.90 19.51 -5.71
C LYS A 237 14.51 20.95 -6.03
N TYR A 238 13.73 21.10 -7.10
CA TYR A 238 13.36 22.42 -7.60
C TYR A 238 12.72 23.28 -6.52
N MET A 239 13.05 24.56 -6.53
CA MET A 239 12.57 25.49 -5.50
C MET A 239 11.12 25.90 -5.67
N GLU A 240 10.47 25.48 -6.76
CA GLU A 240 9.11 25.87 -7.12
C GLU A 240 8.96 27.37 -7.34
N GLN A 241 10.08 28.10 -7.40
CA GLN A 241 10.06 29.53 -7.69
C GLN A 241 11.21 29.82 -8.65
N LEU A 242 11.30 31.08 -9.07
CA LEU A 242 12.39 31.48 -9.96
C LEU A 242 13.75 31.41 -9.28
N HIS A 243 13.78 31.35 -7.96
CA HIS A 243 15.03 31.23 -7.23
C HIS A 243 15.68 29.88 -7.50
N ARG A 244 17.00 29.83 -7.33
CA ARG A 244 17.73 28.58 -7.50
C ARG A 244 17.24 27.54 -6.51
N TYR A 245 17.19 26.29 -6.96
CA TYR A 245 16.67 25.23 -6.11
C TYR A 245 17.56 25.03 -4.88
N THR A 246 16.95 24.52 -3.81
CA THR A 246 17.60 24.39 -2.52
C THR A 246 18.13 22.97 -2.32
N LYS A 247 18.83 22.78 -1.21
CA LYS A 247 19.37 21.49 -0.81
C LYS A 247 18.55 20.94 0.34
N LEU A 248 17.97 19.76 0.15
CA LEU A 248 17.15 19.12 1.17
C LEU A 248 18.07 18.45 2.19
N SER A 249 18.18 19.04 3.38
CA SER A 249 19.04 18.53 4.45
C SER A 249 18.30 17.56 5.36
N TYR A 250 17.42 16.74 4.81
CA TYR A 250 16.63 15.82 5.62
C TYR A 250 17.50 14.70 6.18
N ARG A 251 17.12 14.18 7.34
CA ARG A 251 17.82 13.07 7.98
C ARG A 251 17.30 11.78 7.39
N VAL A 252 18.09 11.17 6.52
CA VAL A 252 17.74 9.89 5.89
C VAL A 252 18.76 8.86 6.36
N VAL A 253 18.33 7.98 7.26
CA VAL A 253 19.20 6.95 7.79
C VAL A 253 19.33 5.82 6.77
N PHE A 254 20.49 5.18 6.75
CA PHE A 254 20.74 4.06 5.86
C PHE A 254 21.57 3.02 6.61
N PRO A 255 21.18 1.75 6.56
CA PRO A 255 21.91 0.71 7.26
C PRO A 255 23.05 0.15 6.42
N LEU A 256 23.87 -0.69 7.07
CA LEU A 256 24.99 -1.32 6.38
C LEU A 256 24.55 -2.54 5.58
N GLU A 257 23.73 -3.40 6.20
CA GLU A 257 23.05 -4.44 5.46
C GLU A 257 21.80 -3.87 4.80
N LEU A 258 21.35 -4.55 3.74
CA LEU A 258 20.18 -4.06 3.02
C LEU A 258 19.54 -5.18 2.22
N ARG A 259 18.21 -5.23 2.26
CA ARG A 259 17.40 -6.05 1.38
C ARG A 259 16.26 -5.20 0.85
N LEU A 260 15.82 -5.49 -0.36
CA LEU A 260 14.78 -4.71 -1.02
C LEU A 260 13.42 -5.36 -0.85
N PHE A 261 12.42 -4.53 -0.55
CA PHE A 261 11.04 -4.99 -0.43
C PHE A 261 10.25 -4.80 -1.72
N ASN A 262 10.61 -3.81 -2.53
CA ASN A 262 9.83 -3.46 -3.72
C ASN A 262 10.34 -4.22 -4.95
N THR A 263 10.34 -5.55 -4.82
CA THR A 263 10.77 -6.45 -5.89
C THR A 263 9.58 -7.20 -6.46
N SER A 264 9.60 -7.42 -7.77
CA SER A 264 8.55 -8.19 -8.41
C SER A 264 8.72 -9.67 -8.09
N SER A 265 7.63 -10.32 -7.70
CA SER A 265 7.69 -11.72 -7.31
C SER A 265 8.04 -12.66 -8.45
N ASP A 266 8.07 -12.16 -9.70
CA ASP A 266 8.43 -13.03 -10.83
C ASP A 266 9.89 -13.44 -10.77
N ALA A 267 10.76 -12.57 -10.25
CA ALA A 267 12.17 -12.91 -10.14
C ALA A 267 12.39 -13.97 -9.06
N VAL A 268 13.57 -14.58 -9.08
CA VAL A 268 13.91 -15.65 -8.15
C VAL A 268 14.73 -15.08 -6.99
N ASN A 269 15.93 -14.60 -7.29
CA ASN A 269 16.82 -14.04 -6.27
C ASN A 269 16.57 -12.54 -6.09
N LEU A 270 15.36 -12.23 -5.62
CA LEU A 270 14.94 -10.85 -5.45
C LEU A 270 15.30 -10.27 -4.08
N ASP A 271 15.40 -11.12 -3.06
CA ASP A 271 15.68 -10.68 -1.69
C ASP A 271 17.12 -10.99 -1.28
N ARG A 272 18.07 -10.75 -2.18
CA ARG A 272 19.48 -10.96 -1.85
C ARG A 272 19.96 -9.91 -0.85
N MET A 273 20.98 -10.28 -0.08
CA MET A 273 21.54 -9.37 0.91
C MET A 273 22.59 -8.47 0.29
N TYR A 274 22.60 -7.21 0.71
CA TYR A 274 23.55 -6.22 0.23
C TYR A 274 24.40 -5.71 1.39
N ASP A 275 25.54 -5.11 1.04
CA ASP A 275 26.46 -4.55 2.02
C ASP A 275 26.96 -3.20 1.54
N LEU A 276 26.99 -2.24 2.46
CA LEU A 276 27.41 -0.88 2.13
C LEU A 276 28.92 -0.84 1.90
N VAL A 277 29.33 -0.50 0.68
CA VAL A 277 30.75 -0.39 0.35
C VAL A 277 31.24 1.03 0.48
N ALA A 278 30.57 1.97 -0.19
CA ALA A 278 30.96 3.37 -0.18
C ALA A 278 29.72 4.24 -0.18
N VAL A 279 29.91 5.50 0.22
CA VAL A 279 28.84 6.49 0.22
C VAL A 279 29.45 7.86 -0.02
N VAL A 280 28.94 8.57 -1.02
CA VAL A 280 29.45 9.89 -1.40
C VAL A 280 28.71 10.93 -0.58
N VAL A 281 29.39 11.52 0.39
CA VAL A 281 28.82 12.55 1.25
C VAL A 281 29.02 13.91 0.58
N HIS A 282 28.13 14.85 0.87
CA HIS A 282 28.17 16.18 0.27
C HIS A 282 27.95 17.22 1.36
N CYS A 283 28.97 18.03 1.62
CA CYS A 283 28.84 19.17 2.53
C CYS A 283 28.32 20.38 1.79
N GLY A 284 28.07 21.44 2.54
CA GLY A 284 27.61 22.68 1.95
C GLY A 284 26.12 22.87 2.09
N SER A 285 25.65 24.11 2.08
CA SER A 285 24.23 24.33 2.23
C SER A 285 23.51 24.65 0.93
N GLY A 286 24.18 24.43 -0.20
CA GLY A 286 23.59 24.72 -1.50
C GLY A 286 23.87 23.69 -2.57
N PRO A 287 23.10 23.74 -3.65
CA PRO A 287 23.25 22.80 -4.75
C PRO A 287 24.61 22.92 -5.41
N ASN A 288 25.06 24.14 -5.62
CA ASN A 288 26.37 24.38 -6.21
C ASN A 288 27.07 25.40 -5.35
N ARG A 289 27.43 24.94 -4.17
CA ARG A 289 28.12 25.74 -3.17
C ARG A 289 28.49 24.82 -2.03
N GLY A 290 29.13 23.70 -2.35
CA GLY A 290 29.49 22.76 -1.31
C GLY A 290 30.77 22.00 -1.56
N HIS A 291 30.90 20.82 -0.96
CA HIS A 291 32.11 20.02 -1.07
C HIS A 291 31.75 18.56 -0.84
N TYR A 292 32.30 17.69 -1.68
CA TYR A 292 31.99 16.27 -1.65
C TYR A 292 33.03 15.49 -0.86
N ILE A 293 32.57 14.50 -0.10
CA ILE A 293 33.42 13.64 0.71
C ILE A 293 32.95 12.20 0.49
N THR A 294 33.80 11.25 0.90
CA THR A 294 33.52 9.83 0.67
C THR A 294 33.92 9.02 1.90
N ILE A 295 32.92 8.33 2.50
CA ILE A 295 33.12 7.24 3.44
C ILE A 295 33.18 5.95 2.65
N VAL A 296 34.03 5.02 3.07
CA VAL A 296 34.29 3.80 2.30
C VAL A 296 34.97 2.77 3.18
N LYS A 297 34.83 1.51 2.80
CA LYS A 297 35.27 0.35 3.58
C LYS A 297 36.21 -0.48 2.71
N SER A 298 37.52 -0.30 2.88
CA SER A 298 38.49 -1.14 2.20
C SER A 298 38.48 -2.56 2.77
N HIS A 299 38.67 -2.67 4.08
CA HIS A 299 38.49 -3.92 4.82
C HIS A 299 37.59 -3.63 6.01
N GLY A 300 37.75 -4.41 7.09
CA GLY A 300 36.90 -4.21 8.25
C GLY A 300 36.87 -2.78 8.72
N PHE A 301 38.01 -2.09 8.66
CA PHE A 301 38.09 -0.69 9.06
C PHE A 301 37.48 0.20 7.97
N TRP A 302 36.93 1.34 8.40
CA TRP A 302 36.33 2.31 7.50
C TRP A 302 37.25 3.50 7.32
N LEU A 303 37.34 4.00 6.09
CA LEU A 303 38.23 5.09 5.75
C LEU A 303 37.43 6.33 5.35
N LEU A 304 38.02 7.52 5.51
CA LEU A 304 37.30 8.74 5.10
C LEU A 304 38.19 9.51 4.12
N PHE A 305 37.69 9.84 2.93
CA PHE A 305 38.54 10.57 1.96
C PHE A 305 38.05 12.00 1.77
N ASP A 306 38.72 12.97 2.37
CA ASP A 306 38.34 14.39 2.13
C ASP A 306 39.36 14.90 1.12
N ASP A 307 38.98 14.92 -0.15
CA ASP A 307 39.92 15.36 -1.23
C ASP A 307 41.19 14.50 -1.07
N ASP A 308 42.33 15.18 -0.93
CA ASP A 308 43.66 14.56 -0.74
C ASP A 308 43.81 13.80 0.58
N ILE A 309 43.18 14.28 1.67
CA ILE A 309 43.45 13.71 2.99
C ILE A 309 42.75 12.35 3.12
N VAL A 310 43.40 11.45 3.85
CA VAL A 310 42.85 10.13 4.16
C VAL A 310 42.92 9.94 5.68
N GLU A 311 41.89 9.33 6.25
CA GLU A 311 41.82 9.16 7.70
C GLU A 311 40.91 7.98 8.03
N LYS A 312 41.36 7.13 8.95
CA LYS A 312 40.57 5.98 9.37
C LYS A 312 39.51 6.41 10.38
N ILE A 313 38.35 5.78 10.32
CA ILE A 313 37.21 6.17 11.15
C ILE A 313 36.44 4.91 11.54
N ASP A 314 35.77 4.99 12.69
CA ASP A 314 34.94 3.89 13.17
C ASP A 314 33.63 3.85 12.39
N ALA A 315 32.98 2.67 12.42
CA ALA A 315 31.74 2.50 11.67
C ALA A 315 30.58 3.24 12.32
N GLN A 316 30.60 3.44 13.64
CA GLN A 316 29.52 4.14 14.31
C GLN A 316 29.52 5.64 14.03
N ALA A 317 30.61 6.18 13.49
CA ALA A 317 30.68 7.61 13.20
C ALA A 317 29.94 8.01 11.94
N ILE A 318 29.35 7.05 11.23
CA ILE A 318 28.57 7.37 10.03
C ILE A 318 27.27 8.08 10.38
N GLU A 319 26.83 7.98 11.64
CA GLU A 319 25.56 8.59 12.04
C GLU A 319 25.52 10.08 11.76
N GLU A 320 26.68 10.75 11.74
CA GLU A 320 26.72 12.19 11.51
C GLU A 320 26.45 12.57 10.06
N PHE A 321 26.42 11.60 9.15
CA PHE A 321 26.20 11.88 7.73
C PHE A 321 24.83 11.45 7.26
N TYR A 322 23.91 11.17 8.18
CA TYR A 322 22.52 10.87 7.80
C TYR A 322 21.81 12.12 7.28
N GLY A 323 21.93 13.22 8.02
CA GLY A 323 21.27 14.47 7.65
C GLY A 323 20.77 15.26 8.83
N LEU A 324 20.44 16.54 8.62
CA LEU A 324 19.93 17.36 9.70
C LEU A 324 18.48 16.98 10.03
N THR A 325 18.06 17.30 11.25
CA THR A 325 16.72 16.95 11.69
C THR A 325 16.01 18.17 12.28
N SER A 326 16.80 19.09 12.82
CA SER A 326 16.27 20.37 13.34
C SER A 326 15.93 21.27 12.14
N ASP A 327 16.35 20.85 10.93
CA ASP A 327 16.11 21.58 9.66
C ASP A 327 16.63 23.02 9.78
N ILE A 328 17.88 23.18 10.18
CA ILE A 328 18.50 24.54 10.33
C ILE A 328 19.21 24.92 9.03
N SER A 329 19.13 24.05 8.01
CA SER A 329 19.74 24.35 6.69
C SER A 329 21.20 24.74 6.86
N LYS A 330 21.97 23.94 7.59
CA LYS A 330 23.40 24.24 7.84
C LYS A 330 24.23 23.36 6.89
N ASN A 331 25.52 23.21 7.17
CA ASN A 331 26.43 22.41 6.30
C ASN A 331 25.71 21.19 5.76
N SER A 332 24.90 20.55 6.60
CA SER A 332 24.12 19.38 6.12
C SER A 332 25.04 18.31 5.56
N GLU A 333 26.19 18.09 6.19
CA GLU A 333 26.97 16.97 5.68
C GLU A 333 26.09 15.73 5.60
N SER A 334 25.68 15.37 4.39
CA SER A 334 24.70 14.31 4.19
C SER A 334 25.14 13.42 3.02
N GLY A 335 24.75 12.15 3.10
CA GLY A 335 25.05 11.23 2.02
C GLY A 335 24.24 11.54 0.78
N TYR A 336 24.90 11.46 -0.38
CA TYR A 336 24.27 11.77 -1.65
C TYR A 336 24.12 10.55 -2.56
N ILE A 337 25.18 9.76 -2.71
CA ILE A 337 25.16 8.54 -3.52
C ILE A 337 25.61 7.39 -2.63
N LEU A 338 24.83 6.32 -2.63
CA LEU A 338 25.12 5.13 -1.82
C LEU A 338 25.43 3.96 -2.72
N PHE A 339 26.43 3.17 -2.33
CA PHE A 339 26.88 2.01 -3.09
C PHE A 339 26.70 0.76 -2.25
N TYR A 340 25.87 -0.16 -2.75
CA TYR A 340 25.61 -1.43 -2.10
C TYR A 340 26.04 -2.57 -3.01
N GLN A 341 26.77 -3.54 -2.46
CA GLN A 341 27.27 -4.67 -3.22
C GLN A 341 26.61 -5.95 -2.73
N SER A 342 26.32 -6.85 -3.66
CA SER A 342 25.68 -8.11 -3.32
C SER A 342 26.61 -8.99 -2.48
N ARG A 343 26.01 -9.90 -1.73
CA ARG A 343 26.77 -10.80 -0.87
C ARG A 343 27.35 -11.96 -1.67
N GLU A 344 26.50 -12.62 -2.46
CA GLU A 344 26.94 -13.76 -3.27
C GLU A 344 27.70 -13.30 -4.51
N ARG B 53 -19.68 20.16 -19.58
CA ARG B 53 -21.03 20.59 -19.93
C ARG B 53 -21.21 20.67 -21.44
N LYS B 54 -20.63 19.70 -22.15
CA LYS B 54 -20.73 19.61 -23.60
C LYS B 54 -21.63 18.44 -23.95
N VAL B 55 -22.75 18.73 -24.62
CA VAL B 55 -23.73 17.71 -24.94
C VAL B 55 -23.32 16.98 -26.21
N GLN B 56 -23.44 15.66 -26.19
CA GLN B 56 -23.13 14.80 -27.33
C GLN B 56 -24.35 13.97 -27.71
N VAL B 57 -24.54 13.76 -29.01
CA VAL B 57 -25.60 12.92 -29.52
C VAL B 57 -25.01 11.56 -29.87
N SER B 58 -25.69 10.49 -29.44
CA SER B 58 -25.22 9.13 -29.67
C SER B 58 -26.38 8.25 -30.09
N TYR B 59 -26.05 7.18 -30.82
CA TYR B 59 -27.04 6.19 -31.24
C TYR B 59 -26.34 4.86 -31.42
N VAL B 60 -27.12 3.79 -31.37
CA VAL B 60 -26.62 2.43 -31.42
C VAL B 60 -27.16 1.74 -32.67
N ILE B 61 -26.29 1.03 -33.37
CA ILE B 61 -26.67 0.24 -34.54
C ILE B 61 -26.89 -1.18 -34.08
N ARG B 62 -28.15 -1.61 -34.04
CA ARG B 62 -28.50 -2.91 -33.49
C ARG B 62 -29.83 -3.36 -34.08
N ASP B 63 -30.22 -4.57 -33.74
CA ASP B 63 -31.54 -5.07 -34.08
C ASP B 63 -32.58 -4.53 -33.10
N GLU B 64 -33.85 -4.84 -33.34
CA GLU B 64 -34.91 -4.28 -32.52
C GLU B 64 -34.99 -4.95 -31.15
N VAL B 65 -34.67 -6.23 -31.05
CA VAL B 65 -34.81 -6.99 -29.80
C VAL B 65 -33.45 -7.27 -29.17
N GLU B 66 -32.54 -7.90 -29.91
CA GLU B 66 -31.27 -8.40 -29.36
C GLU B 66 -31.52 -9.21 -28.11
N LYS B 67 -32.34 -10.25 -28.25
CA LYS B 67 -32.86 -10.98 -27.10
C LYS B 67 -31.81 -11.81 -26.38
N TYR B 68 -30.61 -11.94 -26.93
CA TYR B 68 -29.50 -12.58 -26.24
C TYR B 68 -28.48 -11.54 -25.82
N ASN B 69 -27.71 -11.87 -24.79
CA ASN B 69 -26.70 -10.96 -24.29
C ASN B 69 -25.62 -10.72 -25.34
N ARG B 70 -25.33 -9.45 -25.60
CA ARG B 70 -24.30 -9.07 -26.57
C ARG B 70 -22.93 -8.86 -25.90
N ASN B 71 -22.82 -9.15 -24.61
CA ASN B 71 -21.56 -9.05 -23.89
C ASN B 71 -21.68 -9.86 -22.62
N GLY B 72 -20.62 -9.87 -21.82
CA GLY B 72 -20.61 -10.64 -20.59
C GLY B 72 -21.57 -10.09 -19.56
N VAL B 73 -21.69 -10.83 -18.45
CA VAL B 73 -22.77 -10.67 -17.49
C VAL B 73 -22.15 -10.38 -16.13
N ASN B 74 -22.55 -9.25 -15.53
CA ASN B 74 -21.92 -8.79 -14.30
C ASN B 74 -22.62 -9.28 -13.04
N ALA B 75 -23.93 -9.49 -13.09
CA ALA B 75 -24.66 -9.88 -11.89
C ALA B 75 -25.82 -10.79 -12.27
N LEU B 76 -26.32 -11.52 -11.28
CA LEU B 76 -27.41 -12.46 -11.47
C LEU B 76 -28.38 -12.37 -10.30
N GLN B 77 -29.66 -12.28 -10.61
CA GLN B 77 -30.74 -12.37 -9.63
C GLN B 77 -31.66 -13.52 -10.00
N LEU B 78 -32.38 -14.04 -9.00
CA LEU B 78 -33.18 -15.25 -9.18
C LEU B 78 -34.45 -15.13 -8.36
N ASP B 79 -35.61 -15.18 -9.04
CA ASP B 79 -36.92 -15.14 -8.39
C ASP B 79 -37.47 -16.56 -8.32
N PRO B 80 -37.42 -17.23 -7.17
CA PRO B 80 -37.91 -18.61 -7.12
C PRO B 80 -39.42 -18.72 -7.16
N ALA B 81 -40.15 -17.63 -6.92
CA ALA B 81 -41.61 -17.70 -6.97
C ALA B 81 -42.12 -17.85 -8.40
N LEU B 82 -41.46 -17.20 -9.35
CA LEU B 82 -41.83 -17.26 -10.75
C LEU B 82 -40.85 -18.08 -11.59
N ASN B 83 -39.80 -18.62 -10.98
CA ASN B 83 -38.76 -19.37 -11.69
C ASN B 83 -38.18 -18.54 -12.82
N ARG B 84 -37.61 -17.38 -12.45
CA ARG B 84 -37.06 -16.42 -13.40
C ARG B 84 -35.65 -16.04 -13.00
N LEU B 85 -34.77 -15.95 -14.00
CA LEU B 85 -33.40 -15.49 -13.81
C LEU B 85 -33.24 -14.12 -14.45
N PHE B 86 -32.60 -13.20 -13.73
CA PHE B 86 -32.28 -11.88 -14.24
C PHE B 86 -30.78 -11.82 -14.50
N THR B 87 -30.41 -11.33 -15.69
CA THR B 87 -29.01 -11.20 -16.09
C THR B 87 -28.70 -9.74 -16.32
N ALA B 88 -27.72 -9.21 -15.58
CA ALA B 88 -27.22 -7.86 -15.78
C ALA B 88 -26.07 -7.91 -16.78
N GLY B 89 -26.33 -7.41 -17.99
CA GLY B 89 -25.37 -7.55 -19.08
C GLY B 89 -24.43 -6.35 -19.18
N ARG B 90 -23.17 -6.65 -19.52
CA ARG B 90 -22.24 -5.61 -19.97
C ARG B 90 -22.66 -4.96 -21.30
N ASP B 91 -23.86 -5.24 -21.81
CA ASP B 91 -24.41 -4.60 -22.98
C ASP B 91 -25.55 -3.66 -22.64
N SER B 92 -25.60 -3.18 -21.39
CA SER B 92 -26.58 -2.20 -20.91
C SER B 92 -28.02 -2.70 -20.99
N ILE B 93 -28.21 -4.01 -21.02
CA ILE B 93 -29.55 -4.60 -21.17
C ILE B 93 -29.72 -5.68 -20.12
N ILE B 94 -30.75 -5.56 -19.28
CA ILE B 94 -31.11 -6.57 -18.31
C ILE B 94 -32.19 -7.44 -18.93
N ARG B 95 -31.99 -8.76 -18.89
CA ARG B 95 -32.88 -9.71 -19.54
C ARG B 95 -33.49 -10.66 -18.51
N ILE B 96 -34.78 -10.92 -18.66
CA ILE B 96 -35.51 -11.85 -17.81
C ILE B 96 -35.56 -13.20 -18.53
N TRP B 97 -35.09 -14.24 -17.87
CA TRP B 97 -35.08 -15.59 -18.42
C TRP B 97 -36.00 -16.49 -17.58
N SER B 98 -36.11 -17.74 -18.01
CA SER B 98 -36.95 -18.73 -17.32
C SER B 98 -36.12 -19.95 -17.00
N VAL B 99 -35.93 -20.22 -15.71
CA VAL B 99 -35.14 -21.38 -15.28
C VAL B 99 -35.95 -22.67 -15.35
N ASN B 100 -37.26 -22.59 -15.59
CA ASN B 100 -38.10 -23.77 -15.71
C ASN B 100 -37.70 -24.53 -16.98
N GLN B 101 -37.16 -25.74 -16.79
CA GLN B 101 -36.64 -26.52 -17.91
C GLN B 101 -37.73 -27.08 -18.81
N HIS B 102 -39.01 -26.96 -18.42
CA HIS B 102 -40.08 -27.44 -19.28
C HIS B 102 -40.19 -26.60 -20.55
N LYS B 103 -39.78 -25.35 -20.51
CA LYS B 103 -39.72 -24.50 -21.69
C LYS B 103 -38.40 -24.69 -22.41
N GLN B 104 -38.40 -24.42 -23.72
CA GLN B 104 -37.19 -24.50 -24.53
C GLN B 104 -36.63 -23.14 -24.91
N ASP B 105 -37.47 -22.12 -25.03
CA ASP B 105 -37.01 -20.76 -25.27
C ASP B 105 -37.07 -20.00 -23.96
N PRO B 106 -35.96 -19.87 -23.22
CA PRO B 106 -36.04 -19.26 -21.88
C PRO B 106 -36.29 -17.77 -21.90
N TYR B 107 -36.11 -17.09 -23.03
CA TYR B 107 -36.25 -15.65 -23.08
C TYR B 107 -37.69 -15.23 -22.76
N ILE B 108 -37.82 -14.17 -21.97
CA ILE B 108 -39.13 -13.66 -21.58
C ILE B 108 -39.28 -12.23 -22.07
N ALA B 109 -38.43 -11.33 -21.58
CA ALA B 109 -38.47 -9.94 -21.98
C ALA B 109 -37.10 -9.31 -21.76
N SER B 110 -36.91 -8.12 -22.31
CA SER B 110 -35.68 -7.35 -22.15
C SER B 110 -35.98 -6.02 -21.48
N MET B 111 -35.24 -5.71 -20.43
CA MET B 111 -35.32 -4.45 -19.71
C MET B 111 -34.08 -3.63 -20.07
N GLU B 112 -34.26 -2.70 -21.00
CA GLU B 112 -33.12 -1.88 -21.46
C GLU B 112 -33.41 -0.40 -21.26
N HIS B 113 -32.56 0.26 -20.51
CA HIS B 113 -32.66 1.66 -20.33
C HIS B 113 -31.29 2.27 -20.07
N HIS B 114 -30.37 1.44 -19.60
CA HIS B 114 -29.02 1.90 -19.32
C HIS B 114 -28.25 2.10 -20.57
N THR B 115 -27.25 2.96 -20.51
CA THR B 115 -26.41 3.20 -21.66
C THR B 115 -25.00 2.72 -21.48
N ASP B 116 -24.73 1.95 -20.44
CA ASP B 116 -23.39 1.42 -20.17
C ASP B 116 -23.43 0.18 -19.31
N TRP B 117 -22.30 -0.44 -19.07
CA TRP B 117 -22.30 -1.71 -18.35
C TRP B 117 -23.24 -1.65 -17.15
N VAL B 118 -24.12 -2.64 -17.05
CA VAL B 118 -24.95 -2.83 -15.85
C VAL B 118 -24.17 -3.71 -14.89
N ASN B 119 -23.66 -3.12 -13.81
CA ASN B 119 -22.69 -3.79 -12.96
C ASN B 119 -23.33 -4.67 -11.89
N ASP B 120 -24.52 -4.32 -11.41
CA ASP B 120 -25.14 -5.11 -10.35
C ASP B 120 -26.64 -4.88 -10.36
N ILE B 121 -27.39 -5.90 -9.94
CA ILE B 121 -28.84 -5.85 -9.86
C ILE B 121 -29.28 -6.48 -8.54
N VAL B 122 -30.42 -6.01 -8.04
CA VAL B 122 -30.99 -6.48 -6.78
C VAL B 122 -32.50 -6.59 -6.94
N LEU B 123 -33.05 -7.73 -6.55
CA LEU B 123 -34.48 -8.00 -6.66
C LEU B 123 -35.14 -7.86 -5.30
N CYS B 124 -36.18 -7.03 -5.21
CA CYS B 124 -36.81 -6.70 -3.94
C CYS B 124 -38.32 -6.90 -4.03
N CYS B 125 -38.97 -6.78 -2.88
CA CYS B 125 -40.43 -6.76 -2.77
C CYS B 125 -41.05 -8.01 -3.40
N ASN B 126 -40.52 -9.17 -3.03
CA ASN B 126 -41.03 -10.46 -3.51
C ASN B 126 -41.02 -10.54 -5.03
N GLY B 127 -39.95 -10.04 -5.64
CA GLY B 127 -39.81 -10.08 -7.09
C GLY B 127 -40.49 -8.97 -7.85
N LYS B 128 -41.30 -8.14 -7.19
CA LYS B 128 -41.99 -7.05 -7.89
C LYS B 128 -41.01 -5.99 -8.39
N THR B 129 -40.07 -5.59 -7.54
CA THR B 129 -39.19 -4.46 -7.83
C THR B 129 -37.76 -4.91 -8.06
N LEU B 130 -37.09 -4.29 -9.02
CA LEU B 130 -35.69 -4.54 -9.32
C LEU B 130 -34.91 -3.23 -9.28
N ILE B 131 -33.72 -3.29 -8.68
CA ILE B 131 -32.81 -2.14 -8.61
C ILE B 131 -31.54 -2.48 -9.36
N SER B 132 -31.07 -1.55 -10.19
CA SER B 132 -29.92 -1.78 -11.03
C SER B 132 -28.89 -0.66 -10.86
N ALA B 133 -27.62 -1.03 -10.96
CA ALA B 133 -26.50 -0.10 -10.90
C ALA B 133 -25.63 -0.30 -12.13
N SER B 134 -25.20 0.81 -12.73
CA SER B 134 -24.52 0.75 -14.01
C SER B 134 -23.39 1.76 -14.08
N SER B 135 -22.56 1.61 -15.11
CA SER B 135 -21.41 2.48 -15.34
C SER B 135 -21.78 3.83 -15.94
N ASP B 136 -23.05 4.05 -16.28
CA ASP B 136 -23.51 5.36 -16.70
C ASP B 136 -23.86 6.26 -15.52
N THR B 137 -23.29 5.97 -14.34
CA THR B 137 -23.44 6.80 -13.15
C THR B 137 -24.89 6.94 -12.69
N THR B 138 -25.71 5.93 -12.93
CA THR B 138 -27.12 5.98 -12.59
C THR B 138 -27.54 4.71 -11.85
N VAL B 139 -28.56 4.86 -11.01
CA VAL B 139 -29.23 3.75 -10.34
C VAL B 139 -30.70 3.84 -10.71
N LYS B 140 -31.21 2.79 -11.36
CA LYS B 140 -32.56 2.82 -11.92
C LYS B 140 -33.48 1.88 -11.14
N VAL B 141 -34.72 2.31 -10.96
CA VAL B 141 -35.77 1.50 -10.34
C VAL B 141 -36.64 0.92 -11.43
N TRP B 142 -36.88 -0.39 -11.35
CA TRP B 142 -37.59 -1.11 -12.40
C TRP B 142 -38.83 -1.78 -11.84
N ASN B 143 -39.76 -2.11 -12.74
CA ASN B 143 -40.88 -3.00 -12.46
C ASN B 143 -40.48 -4.37 -12.99
N ALA B 144 -40.02 -5.25 -12.10
CA ALA B 144 -39.46 -6.52 -12.51
C ALA B 144 -40.50 -7.47 -13.11
N HIS B 145 -41.78 -7.29 -12.78
CA HIS B 145 -42.81 -8.18 -13.33
C HIS B 145 -43.16 -7.79 -14.76
N LYS B 146 -43.46 -6.50 -14.98
CA LYS B 146 -43.87 -6.07 -16.31
C LYS B 146 -42.65 -5.79 -17.20
N GLY B 147 -41.59 -5.22 -16.64
CA GLY B 147 -40.33 -5.14 -17.35
C GLY B 147 -39.95 -3.76 -17.89
N PHE B 148 -40.38 -2.70 -17.23
CA PHE B 148 -40.07 -1.34 -17.67
C PHE B 148 -39.43 -0.56 -16.53
N CYS B 149 -38.72 0.51 -16.90
CA CYS B 149 -38.01 1.35 -15.95
C CYS B 149 -38.96 2.39 -15.36
N MET B 150 -38.89 2.57 -14.04
CA MET B 150 -39.79 3.48 -13.34
C MET B 150 -39.13 4.81 -13.00
N SER B 151 -37.93 4.79 -12.42
CA SER B 151 -37.26 6.01 -12.01
C SER B 151 -35.76 5.87 -12.21
N THR B 152 -35.07 7.00 -12.22
CA THR B 152 -33.63 7.04 -12.39
C THR B 152 -33.03 7.98 -11.34
N LEU B 153 -32.03 7.48 -10.61
CA LEU B 153 -31.34 8.24 -9.58
C LEU B 153 -29.95 8.60 -10.07
N ARG B 154 -29.64 9.90 -10.06
CA ARG B 154 -28.37 10.37 -10.61
C ARG B 154 -27.52 11.04 -9.53
N THR B 155 -27.39 10.40 -8.37
CA THR B 155 -26.61 10.98 -7.27
C THR B 155 -25.13 10.63 -7.34
N HIS B 156 -24.78 9.51 -7.96
CA HIS B 156 -23.38 9.13 -8.08
C HIS B 156 -22.69 9.95 -9.16
N LYS B 157 -21.39 10.20 -8.95
CA LYS B 157 -20.59 10.99 -9.87
C LYS B 157 -19.66 10.13 -10.73
N ASP B 158 -19.69 8.81 -10.57
CA ASP B 158 -18.82 7.92 -11.33
C ASP B 158 -19.55 6.60 -11.53
N TYR B 159 -18.81 5.58 -11.96
CA TYR B 159 -19.41 4.26 -12.16
C TYR B 159 -20.02 3.74 -10.87
N VAL B 160 -21.30 3.37 -10.93
CA VAL B 160 -21.95 2.70 -9.81
C VAL B 160 -21.66 1.22 -9.93
N LYS B 161 -20.89 0.68 -8.99
CA LYS B 161 -20.24 -0.61 -9.18
C LYS B 161 -20.92 -1.78 -8.47
N ALA B 162 -21.70 -1.54 -7.42
CA ALA B 162 -22.27 -2.66 -6.68
C ALA B 162 -23.50 -2.20 -5.92
N LEU B 163 -24.34 -3.17 -5.58
CA LEU B 163 -25.56 -2.94 -4.80
C LEU B 163 -25.60 -3.91 -3.62
N ALA B 164 -26.32 -3.52 -2.58
CA ALA B 164 -26.53 -4.35 -1.40
C ALA B 164 -27.99 -4.34 -1.02
N TYR B 165 -28.45 -5.46 -0.45
CA TYR B 165 -29.87 -5.65 -0.17
C TYR B 165 -30.07 -6.12 1.26
N ALA B 166 -31.16 -5.64 1.87
CA ALA B 166 -31.58 -6.06 3.21
C ALA B 166 -33.08 -6.30 3.17
N LYS B 167 -33.48 -7.58 3.20
CA LYS B 167 -34.87 -7.93 2.94
C LYS B 167 -35.79 -7.53 4.10
N ASP B 168 -35.32 -7.61 5.34
CA ASP B 168 -36.21 -7.44 6.49
C ASP B 168 -36.72 -6.02 6.64
N LYS B 169 -36.11 -5.05 5.96
CA LYS B 169 -36.58 -3.67 6.01
C LYS B 169 -36.71 -3.05 4.62
N GLU B 170 -36.46 -3.83 3.57
CA GLU B 170 -36.54 -3.37 2.18
C GLU B 170 -35.65 -2.15 1.97
N LEU B 171 -34.35 -2.35 2.21
CA LEU B 171 -33.35 -1.30 2.10
C LEU B 171 -32.29 -1.74 1.11
N VAL B 172 -31.98 -0.87 0.16
CA VAL B 172 -30.94 -1.14 -0.83
C VAL B 172 -29.89 -0.04 -0.74
N ALA B 173 -28.64 -0.42 -1.03
CA ALA B 173 -27.52 0.50 -0.97
C ALA B 173 -26.75 0.46 -2.28
N SER B 174 -26.33 1.63 -2.75
CA SER B 174 -25.59 1.75 -4.01
C SER B 174 -24.24 2.40 -3.74
N ALA B 175 -23.20 1.86 -4.38
CA ALA B 175 -21.85 2.38 -4.22
C ALA B 175 -21.08 2.13 -5.49
N GLY B 176 -19.99 2.88 -5.66
CA GLY B 176 -19.14 2.70 -6.82
C GLY B 176 -17.85 3.49 -6.78
N LEU B 177 -17.38 3.94 -7.96
CA LEU B 177 -16.05 4.53 -8.06
C LEU B 177 -15.99 5.95 -7.52
N ASP B 178 -17.13 6.61 -7.36
CA ASP B 178 -17.16 7.96 -6.78
C ASP B 178 -16.94 7.95 -5.27
N ARG B 179 -16.54 6.81 -4.72
CA ARG B 179 -16.19 6.63 -3.31
C ARG B 179 -17.38 6.81 -2.37
N GLN B 180 -18.59 6.90 -2.91
CA GLN B 180 -19.77 7.20 -2.11
C GLN B 180 -20.65 5.97 -1.95
N ILE B 181 -21.41 5.95 -0.87
CA ILE B 181 -22.40 4.91 -0.58
C ILE B 181 -23.70 5.60 -0.19
N PHE B 182 -24.77 5.28 -0.91
CA PHE B 182 -26.08 5.83 -0.62
C PHE B 182 -27.03 4.72 -0.15
N LEU B 183 -27.93 5.09 0.76
CA LEU B 183 -28.92 4.17 1.29
C LEU B 183 -30.30 4.58 0.79
N TRP B 184 -31.06 3.62 0.26
CA TRP B 184 -32.36 3.88 -0.34
C TRP B 184 -33.40 2.97 0.27
N ASP B 185 -34.52 3.56 0.69
CA ASP B 185 -35.70 2.79 1.08
C ASP B 185 -36.49 2.45 -0.17
N VAL B 186 -36.67 1.15 -0.43
CA VAL B 186 -37.25 0.71 -1.69
C VAL B 186 -38.69 1.18 -1.81
N ASN B 187 -39.43 1.15 -0.70
CA ASN B 187 -40.85 1.53 -0.75
C ASN B 187 -41.05 2.99 -1.12
N THR B 188 -40.09 3.86 -0.77
CA THR B 188 -40.17 5.25 -1.18
C THR B 188 -39.76 5.47 -2.62
N LEU B 189 -38.94 4.58 -3.18
CA LEU B 189 -38.55 4.69 -4.58
C LEU B 189 -39.68 4.28 -5.52
N THR B 190 -40.45 3.26 -5.15
CA THR B 190 -41.55 2.81 -6.00
C THR B 190 -42.70 3.79 -6.02
N ALA B 191 -42.80 4.67 -5.02
CA ALA B 191 -43.85 5.68 -4.95
C ALA B 191 -43.44 7.00 -5.59
N LEU B 192 -42.33 7.02 -6.34
CA LEU B 192 -41.88 8.25 -6.98
C LEU B 192 -42.78 8.58 -8.17
N THR B 193 -43.24 9.82 -8.22
CA THR B 193 -44.09 10.31 -9.29
C THR B 193 -43.47 11.56 -9.89
N ALA B 194 -44.18 12.17 -10.84
CA ALA B 194 -43.69 13.41 -11.44
C ALA B 194 -43.84 14.59 -10.49
N SER B 195 -44.88 14.58 -9.66
CA SER B 195 -45.06 15.64 -8.67
C SER B 195 -44.12 15.47 -7.48
N ASN B 196 -44.09 14.27 -6.90
CA ASN B 196 -43.19 13.96 -5.80
C ASN B 196 -42.03 13.13 -6.35
N ASN B 197 -41.07 13.82 -6.97
CA ASN B 197 -39.93 13.17 -7.59
C ASN B 197 -38.68 13.14 -6.72
N THR B 198 -38.64 13.93 -5.66
CA THR B 198 -37.49 13.97 -4.77
C THR B 198 -37.64 12.92 -3.67
N VAL B 199 -36.51 12.61 -3.03
CA VAL B 199 -36.47 11.59 -2.00
C VAL B 199 -35.34 11.93 -1.03
N THR B 200 -35.52 11.55 0.23
CA THR B 200 -34.47 11.75 1.23
C THR B 200 -33.24 10.94 0.87
N THR B 201 -32.06 11.58 0.96
CA THR B 201 -30.80 10.93 0.66
C THR B 201 -30.02 10.74 1.96
N SER B 202 -29.52 9.53 2.17
CA SER B 202 -28.74 9.17 3.35
C SER B 202 -27.48 8.46 2.89
N SER B 203 -26.33 9.12 3.06
CA SER B 203 -25.06 8.62 2.55
C SER B 203 -24.10 8.34 3.70
N LEU B 204 -23.23 7.36 3.51
CA LEU B 204 -22.23 6.98 4.53
C LEU B 204 -20.85 7.53 4.15
N SER B 205 -20.15 8.16 5.08
CA SER B 205 -18.81 8.71 4.80
C SER B 205 -17.75 7.75 5.33
N GLY B 206 -16.58 7.69 4.69
CA GLY B 206 -15.57 6.74 5.18
C GLY B 206 -14.50 6.38 4.17
N ASN B 207 -14.87 5.76 3.05
CA ASN B 207 -13.87 5.22 2.10
C ASN B 207 -12.92 6.27 1.53
N LYS B 208 -11.65 5.90 1.42
CA LYS B 208 -10.61 6.73 0.85
C LYS B 208 -10.28 6.38 -0.59
N ASP B 209 -10.97 5.39 -1.16
CA ASP B 209 -10.68 4.96 -2.52
C ASP B 209 -11.95 4.35 -3.13
N SER B 210 -11.84 3.95 -4.39
CA SER B 210 -13.01 3.49 -5.14
C SER B 210 -13.59 2.22 -4.53
N ILE B 211 -14.91 2.07 -4.65
CA ILE B 211 -15.65 0.96 -4.06
C ILE B 211 -16.05 0.00 -5.18
N TYR B 212 -15.75 -1.29 -4.99
CA TYR B 212 -16.05 -2.32 -5.97
C TYR B 212 -17.04 -3.36 -5.49
N SER B 213 -17.30 -3.45 -4.19
CA SER B 213 -18.24 -4.44 -3.65
C SER B 213 -18.97 -3.85 -2.46
N LEU B 214 -20.17 -4.36 -2.22
CA LEU B 214 -21.02 -3.84 -1.15
C LEU B 214 -21.98 -4.94 -0.72
N ALA B 215 -22.16 -5.09 0.59
CA ALA B 215 -23.00 -6.15 1.11
C ALA B 215 -23.66 -5.71 2.42
N MET B 216 -24.95 -6.03 2.56
CA MET B 216 -25.70 -5.82 3.78
C MET B 216 -26.19 -7.16 4.32
N ASN B 217 -26.45 -7.18 5.62
CA ASN B 217 -27.07 -8.36 6.22
C ASN B 217 -28.58 -8.31 6.02
N GLN B 218 -29.24 -9.43 6.30
CA GLN B 218 -30.68 -9.52 6.08
C GLN B 218 -31.45 -8.63 7.03
N LEU B 219 -30.96 -8.46 8.27
CA LEU B 219 -31.69 -7.68 9.26
C LEU B 219 -31.67 -6.19 8.95
N GLY B 220 -30.61 -5.70 8.30
CA GLY B 220 -30.49 -4.29 8.01
C GLY B 220 -29.72 -3.54 9.06
N THR B 221 -28.62 -4.14 9.52
CA THR B 221 -27.89 -3.66 10.70
C THR B 221 -26.39 -3.63 10.50
N ILE B 222 -25.86 -4.29 9.47
CA ILE B 222 -24.45 -4.28 9.14
C ILE B 222 -24.34 -4.05 7.63
N ILE B 223 -23.50 -3.11 7.23
CA ILE B 223 -23.19 -2.88 5.82
C ILE B 223 -21.68 -2.77 5.67
N VAL B 224 -21.12 -3.55 4.76
CA VAL B 224 -19.68 -3.63 4.56
C VAL B 224 -19.37 -3.21 3.12
N SER B 225 -18.31 -2.43 2.96
CA SER B 225 -17.87 -1.97 1.65
C SER B 225 -16.46 -2.48 1.37
N GLY B 226 -16.27 -3.10 0.21
CA GLY B 226 -14.97 -3.53 -0.25
C GLY B 226 -14.50 -2.60 -1.36
N SER B 227 -13.18 -2.46 -1.48
CA SER B 227 -12.62 -1.27 -2.09
C SER B 227 -11.18 -1.54 -2.50
N THR B 228 -10.71 -0.78 -3.49
CA THR B 228 -9.30 -0.83 -3.85
C THR B 228 -8.42 -0.34 -2.71
N GLU B 229 -8.98 0.44 -1.78
CA GLU B 229 -8.42 0.55 -0.44
C GLU B 229 -8.64 -0.78 0.26
N LYS B 230 -7.56 -1.51 0.53
CA LYS B 230 -7.66 -2.92 0.88
C LYS B 230 -8.47 -3.17 2.16
N VAL B 231 -8.71 -2.15 2.96
CA VAL B 231 -9.40 -2.32 4.24
C VAL B 231 -10.90 -2.38 4.01
N LEU B 232 -11.56 -3.31 4.70
CA LEU B 232 -13.02 -3.36 4.72
C LEU B 232 -13.56 -2.37 5.75
N ARG B 233 -14.68 -1.75 5.43
CA ARG B 233 -15.29 -0.76 6.30
C ARG B 233 -16.73 -1.14 6.59
N VAL B 234 -17.13 -0.99 7.85
CA VAL B 234 -18.44 -1.42 8.34
C VAL B 234 -19.17 -0.21 8.91
N TRP B 235 -20.49 -0.17 8.70
CA TRP B 235 -21.34 0.88 9.24
C TRP B 235 -22.60 0.26 9.84
N ASP B 236 -23.38 1.11 10.51
CA ASP B 236 -24.74 0.77 10.93
C ASP B 236 -25.72 1.53 10.05
N PRO B 237 -26.48 0.85 9.18
CA PRO B 237 -27.29 1.57 8.19
C PRO B 237 -28.34 2.49 8.79
N ARG B 238 -28.73 2.30 10.06
CA ARG B 238 -29.76 3.15 10.65
C ARG B 238 -29.17 4.48 11.13
N THR B 239 -28.08 4.43 11.88
CA THR B 239 -27.45 5.63 12.42
C THR B 239 -26.31 6.15 11.55
N CYS B 240 -25.91 5.40 10.52
CA CYS B 240 -24.79 5.74 9.66
C CYS B 240 -23.47 5.84 10.40
N ALA B 241 -23.38 5.21 11.57
CA ALA B 241 -22.19 5.30 12.40
C ALA B 241 -21.15 4.27 11.95
N LYS B 242 -19.89 4.69 11.92
CA LYS B 242 -18.80 3.79 11.58
C LYS B 242 -18.56 2.81 12.71
N LEU B 243 -18.58 1.51 12.41
CA LEU B 243 -18.43 0.46 13.41
C LEU B 243 -17.00 -0.03 13.56
N MET B 244 -16.33 -0.36 12.45
CA MET B 244 -14.99 -0.92 12.53
C MET B 244 -14.33 -0.88 11.16
N LYS B 245 -13.01 -1.07 11.16
CA LYS B 245 -12.23 -1.30 9.95
C LYS B 245 -11.58 -2.67 10.05
N LEU B 246 -11.68 -3.46 8.98
CA LEU B 246 -11.14 -4.81 8.94
C LEU B 246 -9.93 -4.83 8.01
N LYS B 247 -8.74 -4.87 8.59
CA LYS B 247 -7.51 -4.95 7.83
C LYS B 247 -7.08 -6.39 7.63
N GLY B 248 -6.40 -6.64 6.52
CA GLY B 248 -5.95 -7.99 6.20
C GLY B 248 -5.63 -8.21 4.74
N HIS B 249 -6.60 -7.94 3.86
CA HIS B 249 -6.39 -8.09 2.43
C HIS B 249 -5.30 -7.15 1.94
N THR B 250 -4.65 -7.54 0.83
CA THR B 250 -3.56 -6.78 0.24
C THR B 250 -3.89 -6.33 -1.17
N ASP B 251 -5.16 -6.39 -1.57
CA ASP B 251 -5.57 -6.00 -2.92
C ASP B 251 -7.04 -5.61 -2.88
N ASN B 252 -7.62 -5.39 -4.06
CA ASN B 252 -9.02 -4.99 -4.16
C ASN B 252 -9.94 -6.12 -3.71
N VAL B 253 -11.13 -5.75 -3.25
CA VAL B 253 -12.13 -6.69 -2.77
C VAL B 253 -13.38 -6.52 -3.63
N LYS B 254 -13.74 -7.56 -4.37
CA LYS B 254 -14.89 -7.52 -5.27
C LYS B 254 -16.04 -8.42 -4.81
N ALA B 255 -15.89 -9.13 -3.69
CA ALA B 255 -16.93 -10.03 -3.21
C ALA B 255 -17.08 -9.87 -1.71
N LEU B 256 -18.34 -9.75 -1.27
CA LEU B 256 -18.65 -9.59 0.15
C LEU B 256 -19.93 -10.33 0.49
N LEU B 257 -19.92 -11.04 1.61
CA LEU B 257 -21.09 -11.78 2.09
C LEU B 257 -21.21 -11.59 3.59
N LEU B 258 -22.45 -11.53 4.07
CA LEU B 258 -22.75 -11.40 5.49
C LEU B 258 -23.79 -12.44 5.89
N ASN B 259 -23.68 -12.96 7.11
CA ASN B 259 -24.70 -13.85 7.62
C ASN B 259 -25.93 -13.04 8.05
N ARG B 260 -27.00 -13.77 8.40
CA ARG B 260 -28.26 -13.11 8.71
C ARG B 260 -28.15 -12.26 9.96
N ASP B 261 -27.37 -12.70 10.95
CA ASP B 261 -27.22 -11.94 12.19
C ASP B 261 -26.33 -10.72 12.04
N GLY B 262 -25.43 -10.72 11.05
CA GLY B 262 -24.46 -9.65 10.92
C GLY B 262 -23.35 -9.78 11.95
N THR B 263 -22.81 -11.00 12.09
CA THR B 263 -21.73 -11.28 13.02
C THR B 263 -20.49 -11.85 12.35
N GLN B 264 -20.62 -12.46 11.18
CA GLN B 264 -19.49 -12.94 10.41
C GLN B 264 -19.54 -12.34 9.01
N CYS B 265 -18.43 -12.44 8.29
CA CYS B 265 -18.32 -11.83 6.98
C CYS B 265 -17.35 -12.63 6.12
N LEU B 266 -17.75 -12.91 4.89
CA LEU B 266 -16.90 -13.54 3.90
C LEU B 266 -16.50 -12.51 2.85
N SER B 267 -15.22 -12.47 2.50
CA SER B 267 -14.71 -11.48 1.56
C SER B 267 -13.77 -12.17 0.57
N GLY B 268 -14.05 -11.99 -0.71
CA GLY B 268 -13.15 -12.44 -1.76
C GLY B 268 -12.40 -11.24 -2.33
N SER B 269 -11.10 -11.43 -2.56
CA SER B 269 -10.22 -10.33 -2.91
C SER B 269 -9.35 -10.72 -4.10
N SER B 270 -8.82 -9.70 -4.77
CA SER B 270 -7.93 -9.90 -5.91
C SER B 270 -6.56 -10.44 -5.50
N ASP B 271 -6.24 -10.46 -4.21
CA ASP B 271 -5.00 -11.05 -3.75
C ASP B 271 -5.03 -12.58 -3.81
N GLY B 272 -6.19 -13.17 -4.08
CA GLY B 272 -6.31 -14.62 -4.15
C GLY B 272 -6.70 -15.30 -2.86
N THR B 273 -7.25 -14.56 -1.91
CA THR B 273 -7.57 -15.10 -0.60
C THR B 273 -9.02 -14.82 -0.25
N ILE B 274 -9.63 -15.75 0.49
CA ILE B 274 -10.96 -15.60 1.05
C ILE B 274 -10.81 -15.53 2.57
N ARG B 275 -11.35 -14.47 3.17
CA ARG B 275 -11.20 -14.24 4.60
C ARG B 275 -12.56 -14.27 5.28
N LEU B 276 -12.66 -15.06 6.34
CA LEU B 276 -13.83 -15.10 7.20
C LEU B 276 -13.57 -14.18 8.39
N TRP B 277 -14.40 -13.15 8.54
CA TRP B 277 -14.20 -12.14 9.57
C TRP B 277 -15.15 -12.35 10.73
N SER B 278 -14.72 -11.93 11.92
CA SER B 278 -15.56 -11.90 13.11
C SER B 278 -15.84 -10.44 13.44
N LEU B 279 -17.09 -10.01 13.23
CA LEU B 279 -17.46 -8.64 13.55
C LEU B 279 -17.52 -8.42 15.06
N GLY B 280 -17.69 -9.47 15.84
CA GLY B 280 -17.65 -9.36 17.29
C GLY B 280 -16.25 -9.08 17.80
N GLN B 281 -15.31 -9.93 17.44
CA GLN B 281 -13.90 -9.72 17.78
C GLN B 281 -13.23 -8.67 16.89
N GLN B 282 -13.89 -8.22 15.83
CA GLN B 282 -13.36 -7.20 14.92
C GLN B 282 -11.99 -7.59 14.38
N ARG B 283 -11.91 -8.80 13.83
CA ARG B 283 -10.66 -9.34 13.33
C ARG B 283 -10.96 -10.46 12.35
N CYS B 284 -9.91 -10.99 11.74
CA CYS B 284 -10.03 -12.09 10.79
C CYS B 284 -9.97 -13.42 11.53
N ILE B 285 -10.87 -14.34 11.18
CA ILE B 285 -10.89 -15.65 11.80
C ILE B 285 -10.00 -16.60 11.01
N ALA B 286 -10.31 -16.79 9.73
CA ALA B 286 -9.57 -17.72 8.89
C ALA B 286 -9.30 -17.07 7.55
N THR B 287 -8.27 -17.57 6.86
CA THR B 287 -7.87 -17.08 5.56
C THR B 287 -7.68 -18.27 4.63
N TYR B 288 -8.59 -18.43 3.67
CA TYR B 288 -8.55 -19.55 2.74
C TYR B 288 -7.94 -19.10 1.42
N ARG B 289 -7.08 -19.95 0.85
CA ARG B 289 -6.36 -19.65 -0.38
C ARG B 289 -6.53 -20.84 -1.34
N VAL B 290 -7.74 -20.96 -1.90
CA VAL B 290 -8.06 -22.08 -2.80
C VAL B 290 -7.91 -21.71 -4.27
N HIS B 291 -7.70 -20.44 -4.59
CA HIS B 291 -7.58 -19.98 -5.97
C HIS B 291 -6.14 -19.57 -6.26
N ASP B 292 -5.82 -19.51 -7.55
CA ASP B 292 -4.53 -19.03 -8.02
C ASP B 292 -4.51 -17.53 -8.24
N GLU B 293 -5.58 -16.98 -8.80
CA GLU B 293 -5.68 -15.57 -9.13
C GLU B 293 -6.77 -14.90 -8.29
N GLY B 294 -7.16 -13.70 -8.70
CA GLY B 294 -8.09 -12.89 -7.94
C GLY B 294 -9.49 -13.45 -7.81
N VAL B 295 -9.93 -13.64 -6.55
CA VAL B 295 -11.30 -14.08 -6.30
C VAL B 295 -12.25 -12.91 -6.53
N TRP B 296 -13.27 -13.13 -7.37
CA TRP B 296 -14.20 -12.08 -7.75
C TRP B 296 -15.63 -12.33 -7.33
N ALA B 297 -16.04 -13.59 -7.15
CA ALA B 297 -17.41 -13.93 -6.83
C ALA B 297 -17.45 -14.89 -5.64
N LEU B 298 -18.48 -14.73 -4.81
CA LEU B 298 -18.66 -15.58 -3.65
C LEU B 298 -20.15 -15.86 -3.44
N GLN B 299 -20.44 -17.09 -3.01
CA GLN B 299 -21.78 -17.49 -2.59
C GLN B 299 -21.66 -18.40 -1.38
N VAL B 300 -22.69 -18.42 -0.55
CA VAL B 300 -22.69 -19.16 0.70
C VAL B 300 -24.04 -19.85 0.88
N ASN B 301 -24.02 -20.99 1.56
CA ASN B 301 -25.24 -21.71 1.86
C ASN B 301 -26.01 -21.02 2.98
N ASP B 302 -27.18 -21.56 3.30
CA ASP B 302 -28.03 -20.94 4.31
C ASP B 302 -27.44 -21.08 5.71
N ALA B 303 -26.63 -22.11 5.94
CA ALA B 303 -26.04 -22.36 7.25
C ALA B 303 -24.72 -21.61 7.45
N PHE B 304 -24.22 -20.92 6.42
CA PHE B 304 -22.97 -20.17 6.50
C PHE B 304 -21.80 -21.07 6.87
N THR B 305 -21.79 -22.29 6.31
CA THR B 305 -20.75 -23.28 6.58
C THR B 305 -19.87 -23.55 5.38
N HIS B 306 -20.42 -23.55 4.17
CA HIS B 306 -19.66 -23.79 2.96
C HIS B 306 -19.72 -22.55 2.08
N VAL B 307 -18.61 -22.22 1.44
CA VAL B 307 -18.50 -21.05 0.58
C VAL B 307 -18.21 -21.51 -0.84
N TYR B 308 -18.95 -20.93 -1.79
CA TYR B 308 -18.73 -21.18 -3.21
C TYR B 308 -17.97 -20.00 -3.79
N SER B 309 -16.78 -20.25 -4.32
CA SER B 309 -15.87 -19.19 -4.74
C SER B 309 -15.51 -19.34 -6.20
N GLY B 310 -15.45 -18.20 -6.90
CA GLY B 310 -15.02 -18.17 -8.29
C GLY B 310 -14.21 -16.91 -8.55
N GLY B 311 -13.58 -16.88 -9.72
CA GLY B 311 -12.82 -15.69 -10.08
C GLY B 311 -12.08 -15.75 -11.41
N ARG B 312 -10.88 -15.16 -11.42
CA ARG B 312 -10.14 -15.00 -12.66
C ARG B 312 -9.57 -16.32 -13.18
N ASP B 313 -9.17 -17.21 -12.29
CA ASP B 313 -8.53 -18.46 -12.70
C ASP B 313 -9.51 -19.51 -13.25
N ARG B 314 -10.73 -19.10 -13.60
CA ARG B 314 -11.80 -19.91 -14.18
C ARG B 314 -12.25 -21.08 -13.31
N LYS B 315 -11.65 -21.28 -12.14
CA LYS B 315 -12.04 -22.37 -11.25
C LYS B 315 -13.21 -21.96 -10.37
N ILE B 316 -14.01 -22.94 -9.96
CA ILE B 316 -15.12 -22.73 -9.04
C ILE B 316 -15.09 -23.85 -8.02
N TYR B 317 -14.78 -23.52 -6.77
CA TYR B 317 -14.68 -24.50 -5.70
C TYR B 317 -15.84 -24.34 -4.72
N CYS B 318 -16.04 -25.39 -3.92
CA CYS B 318 -16.97 -25.36 -2.79
C CYS B 318 -16.16 -25.78 -1.57
N THR B 319 -15.71 -24.81 -0.80
CA THR B 319 -14.82 -25.04 0.33
C THR B 319 -15.60 -25.00 1.64
N ASP B 320 -15.25 -25.89 2.55
CA ASP B 320 -15.84 -25.89 3.89
C ASP B 320 -15.08 -24.91 4.77
N LEU B 321 -15.82 -23.97 5.38
CA LEU B 321 -15.18 -22.97 6.23
C LEU B 321 -14.56 -23.60 7.46
N ARG B 322 -15.23 -24.60 8.04
CA ARG B 322 -14.71 -25.23 9.25
C ARG B 322 -13.47 -26.06 8.96
N ASN B 323 -13.44 -26.73 7.83
CA ASN B 323 -12.29 -27.56 7.42
C ASN B 323 -11.92 -27.19 5.99
N PRO B 324 -10.88 -26.38 5.79
CA PRO B 324 -10.55 -25.93 4.43
C PRO B 324 -9.96 -27.02 3.55
N ASP B 325 -9.40 -28.08 4.12
CA ASP B 325 -8.74 -29.10 3.31
C ASP B 325 -9.70 -29.88 2.44
N ILE B 326 -11.00 -29.85 2.73
CA ILE B 326 -12.01 -30.54 1.92
C ILE B 326 -12.53 -29.50 0.92
N ARG B 327 -11.86 -29.43 -0.23
CA ARG B 327 -12.27 -28.58 -1.33
C ARG B 327 -12.77 -29.47 -2.47
N VAL B 328 -13.88 -29.07 -3.09
CA VAL B 328 -14.48 -29.82 -4.19
C VAL B 328 -14.54 -28.90 -5.40
N LEU B 329 -13.74 -29.19 -6.42
CA LEU B 329 -13.77 -28.42 -7.66
C LEU B 329 -15.07 -28.72 -8.39
N ILE B 330 -15.93 -27.71 -8.50
CA ILE B 330 -17.22 -27.90 -9.18
C ILE B 330 -17.02 -27.97 -10.69
N CYS B 331 -16.38 -26.96 -11.27
CA CYS B 331 -16.17 -26.90 -12.71
C CYS B 331 -15.12 -25.84 -13.02
N GLU B 332 -14.50 -25.99 -14.18
CA GLU B 332 -13.55 -25.01 -14.71
C GLU B 332 -14.21 -24.34 -15.91
N GLU B 333 -14.73 -23.13 -15.70
CA GLU B 333 -15.46 -22.43 -16.75
C GLU B 333 -14.52 -22.02 -17.89
N LYS B 334 -15.12 -21.54 -18.98
CA LYS B 334 -14.36 -21.13 -20.15
C LYS B 334 -13.81 -19.72 -20.01
N ALA B 335 -14.47 -18.87 -19.23
CA ALA B 335 -14.09 -17.48 -19.05
C ALA B 335 -13.98 -17.18 -17.56
N PRO B 336 -13.30 -16.10 -17.19
CA PRO B 336 -13.24 -15.73 -15.77
C PRO B 336 -14.62 -15.51 -15.18
N VAL B 337 -14.78 -15.93 -13.93
CA VAL B 337 -16.08 -15.87 -13.25
C VAL B 337 -16.26 -14.46 -12.67
N LEU B 338 -17.38 -13.83 -13.01
CA LEU B 338 -17.71 -12.50 -12.52
C LEU B 338 -18.71 -12.51 -11.37
N LYS B 339 -19.73 -13.36 -11.45
CA LYS B 339 -20.77 -13.40 -10.43
C LYS B 339 -21.41 -14.79 -10.43
N MET B 340 -21.82 -15.23 -9.25
CA MET B 340 -22.48 -16.52 -9.08
C MET B 340 -23.75 -16.35 -8.26
N GLU B 341 -24.69 -17.27 -8.46
CA GLU B 341 -25.97 -17.21 -7.77
C GLU B 341 -26.44 -18.63 -7.49
N LEU B 342 -26.63 -18.95 -6.22
CA LEU B 342 -27.06 -20.29 -5.81
C LEU B 342 -28.56 -20.46 -5.98
N ASP B 343 -28.96 -21.70 -6.28
CA ASP B 343 -30.36 -22.07 -6.28
C ASP B 343 -30.78 -22.39 -4.85
N ARG B 344 -31.68 -21.59 -4.30
CA ARG B 344 -32.12 -21.74 -2.91
C ARG B 344 -33.53 -22.31 -2.87
N SER B 345 -33.65 -23.57 -3.28
CA SER B 345 -34.92 -24.27 -3.31
C SER B 345 -34.90 -25.59 -2.54
N ALA B 346 -33.79 -25.93 -1.87
CA ALA B 346 -33.69 -27.16 -1.11
C ALA B 346 -32.78 -26.93 0.09
N ASP B 347 -32.76 -27.91 1.00
CA ASP B 347 -31.89 -27.80 2.16
C ASP B 347 -30.42 -27.71 1.78
N PRO B 348 -29.90 -28.49 0.83
CA PRO B 348 -28.62 -28.14 0.21
C PRO B 348 -28.86 -27.50 -1.14
N PRO B 349 -27.94 -26.64 -1.59
CA PRO B 349 -28.12 -25.98 -2.89
C PRO B 349 -28.07 -26.98 -4.03
N PRO B 350 -29.17 -27.13 -4.78
CA PRO B 350 -29.15 -28.11 -5.88
C PRO B 350 -28.28 -27.69 -7.05
N ALA B 351 -28.32 -26.41 -7.44
CA ALA B 351 -27.54 -25.92 -8.56
C ALA B 351 -27.06 -24.51 -8.25
N ILE B 352 -26.22 -23.99 -9.14
CA ILE B 352 -25.66 -22.64 -8.99
C ILE B 352 -25.49 -22.02 -10.38
N TRP B 353 -26.02 -20.82 -10.56
CA TRP B 353 -25.88 -20.08 -11.80
C TRP B 353 -24.56 -19.31 -11.79
N VAL B 354 -23.89 -19.27 -12.93
CA VAL B 354 -22.57 -18.65 -13.06
C VAL B 354 -22.60 -17.67 -14.22
N ALA B 355 -22.07 -16.47 -13.99
CA ALA B 355 -21.91 -15.46 -15.02
C ALA B 355 -20.43 -15.19 -15.25
N THR B 356 -20.05 -15.09 -16.51
CA THR B 356 -18.65 -14.90 -16.89
C THR B 356 -18.55 -13.70 -17.84
N THR B 357 -17.34 -13.47 -18.34
CA THR B 357 -17.13 -12.41 -19.33
C THR B 357 -17.70 -12.78 -20.69
N LYS B 358 -17.99 -14.06 -20.92
CA LYS B 358 -18.69 -14.46 -22.13
C LYS B 358 -20.18 -14.17 -22.00
N SER B 359 -20.86 -14.14 -23.14
CA SER B 359 -22.27 -13.78 -23.18
C SER B 359 -23.20 -14.91 -22.77
N THR B 360 -22.69 -16.13 -22.63
CA THR B 360 -23.52 -17.27 -22.25
C THR B 360 -23.56 -17.42 -20.73
N VAL B 361 -24.72 -17.83 -20.22
CA VAL B 361 -24.94 -18.00 -18.79
C VAL B 361 -25.25 -19.47 -18.55
N ASN B 362 -24.46 -20.09 -17.68
CA ASN B 362 -24.55 -21.52 -17.43
C ASN B 362 -25.13 -21.81 -16.05
N LYS B 363 -25.58 -23.05 -15.87
CA LYS B 363 -26.11 -23.55 -14.62
C LYS B 363 -25.49 -24.91 -14.34
N TRP B 364 -24.96 -25.10 -13.13
CA TRP B 364 -24.25 -26.31 -12.77
C TRP B 364 -24.91 -26.95 -11.56
N THR B 365 -25.37 -28.18 -11.72
CA THR B 365 -25.99 -28.91 -10.62
C THR B 365 -24.93 -29.52 -9.71
N LEU B 366 -25.23 -29.55 -8.41
CA LEU B 366 -24.33 -30.15 -7.44
C LEU B 366 -24.96 -31.39 -6.84
N LYS B 367 -25.21 -32.41 -7.66
CA LYS B 367 -25.86 -33.61 -7.17
C LYS B 367 -24.88 -34.48 -6.38
N GLY B 368 -23.74 -34.81 -6.98
CA GLY B 368 -22.79 -35.69 -6.34
C GLY B 368 -21.77 -34.98 -5.47
N ILE B 369 -22.20 -33.93 -4.78
CA ILE B 369 -21.25 -33.01 -4.16
C ILE B 369 -20.86 -33.50 -2.77
N HIS B 370 -21.74 -34.20 -2.08
CA HIS B 370 -21.47 -34.74 -0.75
C HIS B 370 -20.77 -36.09 -0.80
N ASN B 371 -20.68 -36.72 -1.96
CA ASN B 371 -20.11 -38.05 -2.09
C ASN B 371 -18.66 -38.04 -2.54
N PHE B 372 -18.11 -36.88 -2.90
CA PHE B 372 -16.71 -36.78 -3.31
C PHE B 372 -15.78 -36.91 -2.11
N ASN B 384 -6.13 -27.66 -5.34
CA ASN B 384 -5.41 -28.87 -5.72
C ASN B 384 -6.26 -30.05 -6.23
N PRO B 385 -7.59 -30.11 -5.90
CA PRO B 385 -8.43 -31.12 -6.57
C PRO B 385 -8.42 -30.97 -8.08
N ILE B 386 -7.70 -31.87 -8.76
CA ILE B 386 -7.54 -31.78 -10.21
C ILE B 386 -8.76 -32.29 -10.96
N THR B 387 -9.56 -33.17 -10.35
CA THR B 387 -10.73 -33.73 -11.03
C THR B 387 -11.97 -32.92 -10.68
N PRO B 388 -12.69 -32.42 -11.68
CA PRO B 388 -13.88 -31.61 -11.40
C PRO B 388 -15.11 -32.47 -11.16
N LEU B 389 -16.14 -31.82 -10.61
CA LEU B 389 -17.43 -32.49 -10.40
C LEU B 389 -18.26 -32.50 -11.67
N CYS B 390 -18.32 -31.36 -12.36
CA CYS B 390 -19.12 -31.21 -13.57
C CYS B 390 -18.22 -30.80 -14.73
N THR B 391 -18.60 -31.26 -15.93
CA THR B 391 -17.96 -30.84 -17.16
C THR B 391 -18.93 -30.15 -18.10
N GLN B 392 -20.14 -30.70 -18.27
CA GLN B 392 -21.20 -30.05 -19.05
C GLN B 392 -22.21 -29.39 -18.11
N PRO B 393 -22.66 -28.19 -18.44
CA PRO B 393 -23.68 -27.54 -17.61
C PRO B 393 -25.01 -28.25 -17.71
N ASP B 394 -25.87 -27.98 -16.72
CA ASP B 394 -27.22 -28.53 -16.74
C ASP B 394 -28.10 -27.75 -17.71
N GLN B 395 -28.15 -26.43 -17.57
CA GLN B 395 -28.81 -25.54 -18.51
C GLN B 395 -27.77 -24.60 -19.12
N VAL B 396 -28.09 -24.10 -20.31
CA VAL B 396 -27.23 -23.15 -21.01
C VAL B 396 -28.11 -22.09 -21.66
N ILE B 397 -27.94 -20.84 -21.24
CA ILE B 397 -28.61 -19.72 -21.88
C ILE B 397 -27.65 -19.12 -22.91
N LYS B 398 -28.07 -19.10 -24.17
CA LYS B 398 -27.18 -18.73 -25.26
C LYS B 398 -26.88 -17.23 -25.24
N GLY B 399 -25.75 -16.88 -25.85
CA GLY B 399 -25.28 -15.51 -25.89
C GLY B 399 -24.91 -15.03 -27.27
N GLY B 400 -25.38 -13.84 -27.64
CA GLY B 400 -24.93 -13.22 -28.88
C GLY B 400 -23.49 -12.77 -28.81
N ALA B 401 -22.83 -12.80 -29.98
CA ALA B 401 -21.44 -12.40 -30.08
C ALA B 401 -21.29 -10.90 -29.87
N SER B 402 -20.06 -10.48 -29.58
CA SER B 402 -19.73 -9.09 -29.28
C SER B 402 -18.76 -8.55 -30.32
N ILE B 403 -19.07 -7.38 -30.88
CA ILE B 403 -18.15 -6.73 -31.80
C ILE B 403 -16.94 -6.25 -31.02
N ILE B 404 -15.77 -6.82 -31.32
CA ILE B 404 -14.55 -6.51 -30.61
C ILE B 404 -13.61 -5.60 -31.40
N GLN B 405 -13.63 -5.64 -32.74
CA GLN B 405 -12.73 -4.82 -33.55
C GLN B 405 -13.54 -4.04 -34.57
N CYS B 406 -13.16 -2.78 -34.78
CA CYS B 406 -13.86 -1.90 -35.69
C CYS B 406 -12.86 -1.08 -36.48
N HIS B 407 -13.18 -0.85 -37.76
CA HIS B 407 -12.30 -0.09 -38.64
C HIS B 407 -13.15 0.79 -39.55
N ILE B 408 -12.99 2.10 -39.43
CA ILE B 408 -13.67 3.03 -40.31
C ILE B 408 -12.97 3.04 -41.66
N LEU B 409 -13.76 3.15 -42.73
CA LEU B 409 -13.20 3.15 -44.07
C LEU B 409 -12.87 4.58 -44.51
N ASN B 410 -12.17 4.68 -45.65
CA ASN B 410 -11.68 5.97 -46.10
C ASN B 410 -12.80 6.93 -46.44
N ASP B 411 -13.96 6.40 -46.87
CA ASP B 411 -15.10 7.25 -47.18
C ASP B 411 -15.83 7.75 -45.95
N LYS B 412 -15.49 7.23 -44.76
CA LYS B 412 -16.08 7.65 -43.50
C LYS B 412 -17.60 7.50 -43.50
N ARG B 413 -18.08 6.38 -44.05
CA ARG B 413 -19.50 6.06 -44.03
C ARG B 413 -19.69 4.57 -43.74
N HIS B 414 -18.82 3.73 -44.26
CA HIS B 414 -18.92 2.28 -44.09
C HIS B 414 -17.91 1.80 -43.06
N ILE B 415 -18.33 0.86 -42.23
CA ILE B 415 -17.51 0.30 -41.16
C ILE B 415 -17.39 -1.20 -41.36
N LEU B 416 -16.19 -1.74 -41.13
CA LEU B 416 -15.90 -3.16 -41.26
C LEU B 416 -15.55 -3.69 -39.87
N THR B 417 -16.41 -4.56 -39.34
CA THR B 417 -16.29 -5.04 -37.97
C THR B 417 -15.80 -6.49 -37.94
N LYS B 418 -15.63 -7.00 -36.72
CA LYS B 418 -15.26 -8.39 -36.49
C LYS B 418 -15.64 -8.73 -35.05
N ASP B 419 -16.44 -9.77 -34.87
CA ASP B 419 -16.98 -10.10 -33.57
C ASP B 419 -16.19 -11.25 -32.93
N THR B 420 -16.70 -11.75 -31.80
CA THR B 420 -16.03 -12.82 -31.07
C THR B 420 -16.04 -14.14 -31.83
N ASN B 421 -16.97 -14.32 -32.78
CA ASN B 421 -17.02 -15.51 -33.61
C ASN B 421 -16.15 -15.37 -34.86
N ASN B 422 -15.29 -14.35 -34.92
CA ASN B 422 -14.44 -14.09 -36.07
C ASN B 422 -15.26 -13.90 -37.35
N ASN B 423 -16.47 -13.34 -37.21
CA ASN B 423 -17.34 -13.05 -38.34
C ASN B 423 -17.16 -11.59 -38.74
N VAL B 424 -16.64 -11.36 -39.93
CA VAL B 424 -16.48 -10.00 -40.45
C VAL B 424 -17.79 -9.56 -41.08
N ALA B 425 -18.18 -8.31 -40.82
CA ALA B 425 -19.42 -7.77 -41.34
C ALA B 425 -19.17 -6.37 -41.89
N TYR B 426 -20.04 -5.97 -42.82
CA TYR B 426 -19.96 -4.69 -43.51
C TYR B 426 -21.14 -3.84 -43.08
N TRP B 427 -20.88 -2.69 -42.47
CA TRP B 427 -21.92 -1.84 -41.90
C TRP B 427 -21.94 -0.49 -42.61
N ASP B 428 -23.06 0.22 -42.42
CA ASP B 428 -23.24 1.57 -42.95
C ASP B 428 -23.60 2.48 -41.78
N VAL B 429 -22.80 3.52 -41.57
CA VAL B 429 -23.02 4.42 -40.45
C VAL B 429 -24.14 5.41 -40.75
N LEU B 430 -24.17 5.92 -41.98
CA LEU B 430 -25.18 6.92 -42.34
C LEU B 430 -26.59 6.32 -42.23
N LYS B 431 -26.83 5.19 -42.89
CA LYS B 431 -28.12 4.54 -42.83
C LYS B 431 -28.34 3.74 -41.55
N ALA B 432 -27.27 3.50 -40.78
CA ALA B 432 -27.35 2.73 -39.53
C ALA B 432 -27.90 1.32 -39.79
N CYS B 433 -27.32 0.65 -40.78
CA CYS B 433 -27.75 -0.68 -41.19
C CYS B 433 -26.55 -1.58 -41.39
N LYS B 434 -26.81 -2.89 -41.34
CA LYS B 434 -25.81 -3.89 -41.70
C LYS B 434 -25.98 -4.24 -43.18
N VAL B 435 -24.90 -4.11 -43.94
CA VAL B 435 -24.97 -4.37 -45.38
C VAL B 435 -25.01 -5.86 -45.65
N GLU B 436 -24.01 -6.60 -45.16
CA GLU B 436 -23.92 -8.03 -45.40
C GLU B 436 -22.93 -8.65 -44.44
N ASP B 437 -23.23 -9.86 -43.99
CA ASP B 437 -22.28 -10.66 -43.23
C ASP B 437 -21.33 -11.39 -44.17
N LEU B 438 -20.05 -11.38 -43.84
CA LEU B 438 -19.01 -11.92 -44.71
C LEU B 438 -18.37 -13.18 -44.16
N GLY B 439 -18.91 -13.74 -43.08
CA GLY B 439 -18.38 -14.99 -42.55
C GLY B 439 -16.97 -14.83 -41.99
N LYS B 440 -16.27 -15.96 -41.92
CA LYS B 440 -14.98 -16.04 -41.23
C LYS B 440 -13.82 -15.83 -42.21
N VAL B 441 -13.84 -14.68 -42.86
CA VAL B 441 -12.78 -14.30 -43.79
C VAL B 441 -11.69 -13.57 -43.04
N ASP B 442 -10.57 -13.30 -43.70
CA ASP B 442 -9.49 -12.57 -43.07
C ASP B 442 -9.89 -11.11 -42.90
N PHE B 443 -9.63 -10.56 -41.69
CA PHE B 443 -10.10 -9.21 -41.40
C PHE B 443 -9.19 -8.15 -42.00
N GLU B 444 -7.87 -8.32 -41.88
CA GLU B 444 -6.95 -7.32 -42.42
C GLU B 444 -7.01 -7.28 -43.94
N ASP B 445 -7.06 -8.44 -44.59
CA ASP B 445 -7.13 -8.47 -46.06
C ASP B 445 -8.45 -7.90 -46.57
N GLU B 446 -9.53 -8.05 -45.81
CA GLU B 446 -10.80 -7.45 -46.21
C GLU B 446 -10.75 -5.93 -46.13
N ILE B 447 -10.00 -5.38 -45.18
CA ILE B 447 -9.83 -3.93 -45.11
C ILE B 447 -9.12 -3.42 -46.36
N LYS B 448 -8.09 -4.15 -46.81
CA LYS B 448 -7.38 -3.75 -48.02
C LYS B 448 -8.25 -3.93 -49.26
N LYS B 449 -9.05 -4.99 -49.30
CA LYS B 449 -9.92 -5.23 -50.45
C LYS B 449 -11.06 -4.22 -50.55
N ARG B 450 -11.45 -3.61 -49.42
CA ARG B 450 -12.52 -2.62 -49.39
C ARG B 450 -11.98 -1.20 -49.41
N PHE B 451 -10.77 -1.00 -49.92
CA PHE B 451 -10.17 0.32 -49.92
C PHE B 451 -10.82 1.22 -50.96
N LYS B 452 -11.02 2.48 -50.59
CA LYS B 452 -11.62 3.49 -51.46
C LYS B 452 -10.64 4.65 -51.62
N MET B 453 -10.43 5.07 -52.87
CA MET B 453 -9.48 6.15 -53.18
C MET B 453 -10.22 7.48 -53.03
N VAL B 454 -10.34 7.94 -51.78
CA VAL B 454 -11.02 9.19 -51.47
C VAL B 454 -10.68 9.58 -50.02
N TYR B 455 -10.69 10.88 -49.74
CA TYR B 455 -10.46 11.38 -48.39
C TYR B 455 -11.71 12.07 -47.89
N VAL B 456 -12.16 11.68 -46.70
CA VAL B 456 -13.27 12.34 -46.00
C VAL B 456 -12.81 12.57 -44.56
N PRO B 457 -13.01 13.76 -44.00
CA PRO B 457 -12.59 13.99 -42.62
C PRO B 457 -13.39 13.17 -41.63
N ASN B 458 -12.82 13.00 -40.44
CA ASN B 458 -13.52 12.33 -39.36
C ASN B 458 -14.69 13.18 -38.88
N TRP B 459 -15.86 12.56 -38.75
CA TRP B 459 -17.05 13.27 -38.30
C TRP B 459 -17.82 12.51 -37.22
N PHE B 460 -17.26 11.42 -36.68
CA PHE B 460 -17.88 10.71 -35.58
C PHE B 460 -16.84 9.84 -34.90
N SER B 461 -17.23 9.23 -33.79
CA SER B 461 -16.40 8.29 -33.06
C SER B 461 -17.24 7.05 -32.73
N VAL B 462 -16.56 5.93 -32.56
CA VAL B 462 -17.21 4.64 -32.32
C VAL B 462 -16.59 4.00 -31.09
N ASP B 463 -17.44 3.37 -30.27
CA ASP B 463 -17.00 2.65 -29.08
C ASP B 463 -17.70 1.31 -29.03
N LEU B 464 -16.98 0.30 -28.51
CA LEU B 464 -17.48 -1.07 -28.49
C LEU B 464 -17.60 -1.60 -27.06
N LYS B 465 -17.88 -0.72 -26.10
CA LYS B 465 -17.98 -1.16 -24.72
C LYS B 465 -19.19 -2.05 -24.49
N THR B 466 -20.31 -1.75 -25.16
CA THR B 466 -21.51 -2.57 -25.05
C THR B 466 -21.47 -3.80 -25.95
N GLY B 467 -20.50 -3.89 -26.85
CA GLY B 467 -20.40 -4.99 -27.78
C GLY B 467 -21.19 -4.78 -29.06
N MET B 468 -22.24 -3.97 -29.02
CA MET B 468 -22.85 -3.40 -30.22
C MET B 468 -22.14 -2.13 -30.65
N LEU B 469 -22.40 -1.73 -31.89
CA LEU B 469 -21.80 -0.51 -32.45
C LEU B 469 -22.51 0.72 -31.88
N THR B 470 -21.76 1.55 -31.15
CA THR B 470 -22.28 2.78 -30.58
C THR B 470 -21.56 3.95 -31.24
N ILE B 471 -22.31 4.76 -31.97
CA ILE B 471 -21.76 5.92 -32.68
C ILE B 471 -22.02 7.17 -31.85
N THR B 472 -21.02 8.04 -31.76
CA THR B 472 -21.10 9.27 -30.98
C THR B 472 -20.82 10.47 -31.87
N LEU B 473 -21.67 11.48 -31.77
CA LEU B 473 -21.53 12.72 -32.52
C LEU B 473 -21.19 13.86 -31.57
N ASP B 474 -20.17 14.64 -31.91
CA ASP B 474 -19.74 15.77 -31.10
C ASP B 474 -19.73 17.03 -31.94
N GLU B 475 -20.07 18.15 -31.31
CA GLU B 475 -20.14 19.43 -32.01
C GLU B 475 -18.81 19.84 -32.61
N SER B 476 -17.70 19.30 -32.10
CA SER B 476 -16.38 19.74 -32.56
C SER B 476 -16.14 19.39 -34.03
N ASP B 477 -16.62 18.22 -34.47
CA ASP B 477 -16.31 17.77 -35.83
C ASP B 477 -17.49 17.03 -36.49
N CYS B 478 -18.73 17.28 -36.05
CA CYS B 478 -19.84 16.51 -36.58
C CYS B 478 -20.13 16.86 -38.03
N PHE B 479 -20.06 18.14 -38.39
CA PHE B 479 -20.52 18.62 -39.68
C PHE B 479 -19.41 18.71 -40.73
N ALA B 480 -18.17 18.35 -40.39
CA ALA B 480 -17.06 18.41 -41.34
C ALA B 480 -17.03 17.15 -42.22
N ALA B 481 -18.14 16.95 -42.93
CA ALA B 481 -18.31 15.77 -43.79
C ALA B 481 -19.16 16.16 -45.01
N TRP B 482 -18.56 16.93 -45.91
CA TRP B 482 -19.22 17.33 -47.15
C TRP B 482 -18.87 16.32 -48.24
N VAL B 483 -19.88 15.60 -48.71
CA VAL B 483 -19.71 14.56 -49.72
C VAL B 483 -20.78 14.75 -50.79
N SER B 484 -20.38 14.58 -52.05
CA SER B 484 -21.33 14.67 -53.16
C SER B 484 -22.34 13.52 -53.09
N ALA B 485 -23.53 13.78 -53.64
CA ALA B 485 -24.63 12.84 -53.51
C ALA B 485 -24.57 11.70 -54.51
N LYS B 486 -24.04 11.95 -55.71
CA LYS B 486 -24.05 10.92 -56.75
C LYS B 486 -23.15 9.75 -56.38
N ASP B 487 -21.90 10.02 -56.04
CA ASP B 487 -20.98 8.93 -55.72
C ASP B 487 -21.25 8.34 -54.35
N ALA B 488 -21.97 9.05 -53.47
CA ALA B 488 -22.32 8.48 -52.18
C ALA B 488 -23.31 7.34 -52.32
N GLY B 489 -24.26 7.47 -53.25
CA GLY B 489 -25.21 6.40 -53.51
C GLY B 489 -26.64 6.89 -53.65
N PHE B 490 -26.81 8.19 -53.93
CA PHE B 490 -28.13 8.79 -54.09
C PHE B 490 -28.27 9.33 -55.50
N SER B 491 -29.49 9.78 -55.82
CA SER B 491 -29.77 10.34 -57.14
C SER B 491 -29.34 11.81 -57.21
N ASP B 494 -33.36 13.58 -61.32
CA ASP B 494 -32.60 14.55 -62.09
C ASP B 494 -31.12 14.20 -62.13
N GLY B 495 -30.53 14.03 -60.95
CA GLY B 495 -29.11 13.76 -60.84
C GLY B 495 -28.31 15.03 -60.62
N SER B 496 -28.83 15.91 -59.76
CA SER B 496 -28.22 17.23 -59.60
C SER B 496 -26.85 17.13 -58.94
N ASP B 497 -26.66 16.16 -58.05
CA ASP B 497 -25.40 15.88 -57.36
C ASP B 497 -24.88 17.11 -56.62
N PRO B 498 -25.50 17.51 -55.50
CA PRO B 498 -24.95 18.58 -54.68
C PRO B 498 -24.09 18.03 -53.55
N LYS B 499 -23.37 18.94 -52.89
CA LYS B 499 -22.56 18.56 -51.74
C LYS B 499 -23.45 18.47 -50.51
N LEU B 500 -23.50 17.29 -49.90
CA LEU B 500 -24.32 17.03 -48.73
C LEU B 500 -23.44 16.87 -47.50
N ASN B 501 -23.94 17.37 -46.36
CA ASN B 501 -23.24 17.25 -45.08
C ASN B 501 -23.71 15.99 -44.39
N LEU B 502 -22.82 15.01 -44.25
CA LEU B 502 -23.20 13.72 -43.68
C LEU B 502 -23.65 13.86 -42.23
N GLY B 503 -23.00 14.74 -41.47
CA GLY B 503 -23.34 14.87 -40.07
C GLY B 503 -24.68 15.54 -39.85
N GLY B 504 -24.92 16.66 -40.53
CA GLY B 504 -26.20 17.33 -40.42
C GLY B 504 -27.35 16.53 -41.03
N LEU B 505 -27.09 15.82 -42.14
CA LEU B 505 -28.11 14.97 -42.72
C LEU B 505 -28.46 13.80 -41.80
N LEU B 506 -27.53 13.39 -40.94
CA LEU B 506 -27.82 12.28 -40.02
C LEU B 506 -28.68 12.73 -38.84
N LEU B 507 -28.46 13.95 -38.36
CA LEU B 507 -29.24 14.45 -37.22
C LEU B 507 -30.71 14.64 -37.59
N GLN B 508 -30.99 14.92 -38.86
CA GLN B 508 -32.38 15.08 -39.28
C GLN B 508 -33.09 13.74 -39.40
N ALA B 509 -32.36 12.67 -39.69
CA ALA B 509 -32.97 11.35 -39.75
C ALA B 509 -33.16 10.74 -38.36
N LEU B 510 -32.30 11.12 -37.41
CA LEU B 510 -32.46 10.61 -36.04
C LEU B 510 -33.69 11.22 -35.37
N LEU B 511 -33.96 12.50 -35.63
CA LEU B 511 -35.15 13.18 -35.14
C LEU B 511 -36.20 13.30 -36.25
N GLU B 512 -36.38 12.24 -37.04
CA GLU B 512 -37.29 12.30 -38.17
C GLU B 512 -38.74 12.29 -37.72
N TYR B 513 -39.08 11.49 -36.71
CA TYR B 513 -40.45 11.42 -36.21
C TYR B 513 -40.80 12.56 -35.26
N TRP B 514 -39.86 13.47 -35.00
CA TRP B 514 -40.15 14.61 -34.15
C TRP B 514 -40.97 15.64 -34.94
N PRO B 515 -42.17 16.00 -34.47
CA PRO B 515 -43.00 16.95 -35.25
C PRO B 515 -42.38 18.33 -35.40
N ARG B 516 -41.41 18.70 -34.55
CA ARG B 516 -40.78 20.02 -34.66
C ARG B 516 -39.91 20.13 -35.90
N THR B 517 -39.49 19.01 -36.49
CA THR B 517 -38.64 19.01 -37.68
C THR B 517 -39.44 18.73 -38.94
N HIS B 518 -40.55 19.46 -39.12
CA HIS B 518 -41.39 19.30 -40.30
C HIS B 518 -41.66 20.64 -40.98
N GLN B 541 -41.01 18.90 -44.36
CA GLN B 541 -40.74 17.62 -44.99
C GLN B 541 -40.46 16.55 -43.94
N LYS B 542 -40.92 15.32 -44.21
CA LYS B 542 -40.71 14.20 -43.30
C LYS B 542 -39.33 13.61 -43.56
N GLY B 543 -38.37 14.00 -42.73
CA GLY B 543 -37.00 13.56 -42.91
C GLY B 543 -36.26 14.38 -43.95
N ASN B 544 -35.12 13.85 -44.37
CA ASN B 544 -34.34 14.46 -45.44
C ASN B 544 -34.81 14.02 -46.83
N GLY B 545 -35.35 12.83 -46.96
CA GLY B 545 -35.65 12.27 -48.27
C GLY B 545 -34.74 11.11 -48.58
N TYR B 546 -33.43 11.36 -48.53
CA TYR B 546 -32.48 10.47 -49.18
C TYR B 546 -32.42 9.10 -48.51
N PHE B 547 -32.69 9.04 -47.21
CA PHE B 547 -32.49 7.82 -46.45
C PHE B 547 -33.32 7.87 -45.18
N GLN B 548 -33.44 6.71 -44.53
CA GLN B 548 -34.15 6.59 -43.26
C GLN B 548 -33.39 5.65 -42.35
N VAL B 549 -33.19 6.04 -41.10
CA VAL B 549 -32.57 5.19 -40.10
C VAL B 549 -33.63 4.24 -39.56
N PRO B 550 -33.26 3.10 -38.98
CA PRO B 550 -34.27 2.19 -38.41
C PRO B 550 -35.08 2.88 -37.33
N PRO B 551 -36.38 2.59 -37.24
CA PRO B 551 -37.21 3.26 -36.23
C PRO B 551 -36.89 2.85 -34.81
N HIS B 552 -36.27 1.69 -34.59
CA HIS B 552 -35.94 1.21 -33.26
C HIS B 552 -34.56 1.67 -32.80
N THR B 553 -33.90 2.54 -33.55
CA THR B 553 -32.56 2.99 -33.20
C THR B 553 -32.62 3.87 -31.95
N PRO B 554 -31.99 3.49 -30.84
CA PRO B 554 -32.04 4.31 -29.62
C PRO B 554 -31.12 5.51 -29.73
N VAL B 555 -31.71 6.69 -29.65
CA VAL B 555 -30.95 7.94 -29.66
C VAL B 555 -30.65 8.35 -28.23
N ILE B 556 -29.41 8.77 -27.98
CA ILE B 556 -28.94 9.09 -26.64
C ILE B 556 -28.34 10.49 -26.65
N PHE B 557 -28.83 11.34 -25.74
CA PHE B 557 -28.24 12.64 -25.47
C PHE B 557 -27.55 12.59 -24.12
N GLY B 558 -26.29 13.02 -24.07
CA GLY B 558 -25.53 12.95 -22.84
C GLY B 558 -24.44 13.99 -22.71
N GLU B 559 -23.56 13.82 -21.71
CA GLU B 559 -22.42 14.70 -21.51
C GLU B 559 -21.12 13.94 -21.73
N ALA B 560 -20.07 14.68 -22.07
CA ALA B 560 -18.77 14.08 -22.33
C ALA B 560 -18.18 13.50 -21.05
N GLY B 561 -17.79 12.23 -21.11
CA GLY B 561 -17.49 11.43 -19.93
C GLY B 561 -18.45 11.64 -18.78
N GLY B 562 -19.72 11.84 -19.13
CA GLY B 562 -20.68 12.49 -18.26
C GLY B 562 -21.89 11.61 -18.05
N ARG B 563 -22.99 12.20 -17.59
CA ARG B 563 -24.16 11.45 -17.20
C ARG B 563 -25.08 11.38 -18.42
N THR B 564 -25.88 10.32 -18.50
CA THR B 564 -26.85 10.25 -19.59
C THR B 564 -27.97 11.26 -19.32
N LEU B 565 -28.25 12.09 -20.32
CA LEU B 565 -29.20 13.18 -20.15
C LEU B 565 -30.62 12.77 -20.52
N PHE B 566 -30.80 12.11 -21.67
CA PHE B 566 -32.10 11.63 -22.08
C PHE B 566 -31.91 10.55 -23.13
N ARG B 567 -32.78 9.53 -23.08
CA ARG B 567 -32.69 8.39 -23.99
C ARG B 567 -34.08 8.06 -24.50
N LEU B 568 -34.18 7.82 -25.81
CA LEU B 568 -35.44 7.45 -26.44
C LEU B 568 -35.15 6.82 -27.79
N LEU B 569 -36.14 6.11 -28.31
CA LEU B 569 -36.02 5.51 -29.63
C LEU B 569 -36.32 6.55 -30.70
N CYS B 570 -35.96 6.20 -31.95
CA CYS B 570 -36.18 7.12 -33.06
C CYS B 570 -37.67 7.33 -33.33
N ARG B 571 -38.46 6.26 -33.23
CA ARG B 571 -39.89 6.36 -33.47
C ARG B 571 -40.63 7.01 -32.30
N ASP B 572 -40.07 6.97 -31.10
CA ASP B 572 -40.71 7.52 -29.91
C ASP B 572 -40.55 9.03 -29.77
N SER B 573 -40.05 9.71 -30.80
CA SER B 573 -39.89 11.15 -30.73
C SER B 573 -41.23 11.88 -30.79
N GLY B 574 -42.28 11.23 -31.28
CA GLY B 574 -43.59 11.83 -31.41
C GLY B 574 -44.47 11.79 -30.19
N GLY B 575 -44.07 11.05 -29.16
CA GLY B 575 -44.85 11.03 -27.93
C GLY B 575 -44.95 12.40 -27.30
N GLU B 576 -46.05 12.62 -26.57
CA GLU B 576 -46.36 13.95 -26.06
C GLU B 576 -45.34 14.39 -25.01
N THR B 577 -45.20 13.61 -23.94
CA THR B 577 -44.22 13.94 -22.91
C THR B 577 -42.79 13.71 -23.39
N GLU B 578 -42.60 12.89 -24.43
CA GLU B 578 -41.26 12.67 -24.96
C GLU B 578 -40.79 13.84 -25.81
N SER B 579 -41.71 14.50 -26.53
CA SER B 579 -41.36 15.70 -27.28
C SER B 579 -41.16 16.90 -26.36
N MET B 580 -41.84 16.91 -25.21
CA MET B 580 -41.62 17.99 -24.24
C MET B 580 -40.21 17.95 -23.68
N LEU B 581 -39.63 16.76 -23.53
CA LEU B 581 -38.25 16.64 -23.08
C LEU B 581 -37.28 17.06 -24.18
N LEU B 582 -37.60 16.77 -25.44
CA LEU B 582 -36.73 17.15 -26.54
C LEU B 582 -36.60 18.66 -26.69
N ASN B 583 -37.51 19.44 -26.10
CA ASN B 583 -37.39 20.89 -26.14
C ASN B 583 -36.34 21.42 -25.17
N GLU B 584 -36.13 20.71 -24.06
CA GLU B 584 -35.18 21.13 -23.04
C GLU B 584 -33.88 20.34 -23.03
N THR B 585 -33.89 19.10 -23.55
CA THR B 585 -32.72 18.25 -23.48
C THR B 585 -31.79 18.40 -24.69
N VAL B 586 -32.36 18.65 -25.86
CA VAL B 586 -31.55 18.75 -27.08
C VAL B 586 -30.75 20.05 -27.06
N PRO B 587 -29.44 20.02 -27.31
CA PRO B 587 -28.65 21.25 -27.27
C PRO B 587 -28.96 22.19 -28.44
N GLN B 588 -28.34 23.36 -28.45
CA GLN B 588 -28.69 24.38 -29.45
C GLN B 588 -28.16 24.00 -30.84
N TRP B 589 -26.95 23.45 -30.91
CA TRP B 589 -26.36 23.16 -32.21
C TRP B 589 -27.09 22.04 -32.94
N VAL B 590 -27.87 21.23 -32.23
CA VAL B 590 -28.68 20.22 -32.92
C VAL B 590 -30.01 20.81 -33.38
N ILE B 591 -30.55 21.78 -32.63
CA ILE B 591 -31.78 22.44 -33.03
C ILE B 591 -31.57 23.24 -34.31
N ASP B 592 -30.36 23.78 -34.51
CA ASP B 592 -30.10 24.61 -35.67
C ASP B 592 -30.22 23.80 -36.96
N ILE B 593 -29.60 22.62 -37.00
CA ILE B 593 -29.57 21.85 -38.24
C ILE B 593 -30.92 21.18 -38.51
N THR B 594 -31.68 20.86 -37.46
CA THR B 594 -32.93 20.13 -37.64
C THR B 594 -34.12 21.05 -37.84
N VAL B 595 -34.15 22.20 -37.18
CA VAL B 595 -35.28 23.13 -37.26
C VAL B 595 -34.98 24.30 -38.17
N ASP B 596 -33.87 24.99 -37.95
CA ASP B 596 -33.55 26.21 -38.70
C ASP B 596 -33.01 25.94 -40.09
N LYS B 597 -32.60 24.70 -40.39
CA LYS B 597 -31.98 24.35 -41.67
C LYS B 597 -30.77 25.25 -41.95
N ASN B 598 -29.85 25.27 -40.99
CA ASN B 598 -28.70 26.15 -41.08
C ASN B 598 -27.61 25.58 -41.99
N MET B 599 -27.42 24.26 -41.94
CA MET B 599 -26.40 23.57 -42.75
C MET B 599 -25.01 24.16 -42.53
N ASN C 19 5.30 20.24 9.38
CA ASN C 19 4.20 19.33 9.71
C ASN C 19 3.75 19.53 11.15
N GLU C 20 2.51 19.16 11.44
CA GLU C 20 1.93 19.32 12.77
C GLU C 20 1.79 17.95 13.42
N ILE C 21 2.16 17.87 14.70
CA ILE C 21 2.10 16.61 15.43
C ILE C 21 0.66 16.35 15.87
N LYS C 22 0.33 15.07 16.04
CA LYS C 22 -0.98 14.69 16.52
C LYS C 22 -1.04 14.76 18.04
N THR C 23 -2.24 15.04 18.56
CA THR C 23 -2.44 15.16 19.99
C THR C 23 -3.48 14.17 20.52
N GLN C 24 -3.97 13.27 19.68
CA GLN C 24 -4.95 12.28 20.11
C GLN C 24 -5.10 11.22 19.02
N PHE C 25 -5.61 10.06 19.42
CA PHE C 25 -5.88 8.97 18.50
C PHE C 25 -6.91 8.05 19.12
N THR C 26 -7.72 7.44 18.25
CA THR C 26 -8.82 6.58 18.67
C THR C 26 -8.46 5.12 18.44
N THR C 27 -8.86 4.27 19.38
CA THR C 27 -8.77 2.82 19.29
C THR C 27 -10.10 2.24 19.75
N ARG C 28 -10.22 0.91 19.71
CA ARG C 28 -11.47 0.28 20.14
C ARG C 28 -11.76 0.58 21.60
N GLU C 29 -10.73 0.83 22.41
CA GLU C 29 -10.96 1.16 23.81
C GLU C 29 -11.59 2.54 23.97
N GLY C 30 -11.16 3.50 23.15
CA GLY C 30 -11.66 4.86 23.27
C GLY C 30 -10.67 5.84 22.67
N LEU C 31 -10.84 7.11 23.04
CA LEU C 31 -10.01 8.21 22.54
C LEU C 31 -8.87 8.48 23.52
N TYR C 32 -7.65 8.15 23.10
CA TYR C 32 -6.47 8.56 23.85
C TYR C 32 -6.21 10.05 23.58
N LYS C 33 -5.94 10.82 24.63
CA LYS C 33 -5.79 12.26 24.51
C LYS C 33 -4.49 12.70 25.18
N LEU C 34 -3.72 13.51 24.47
CA LEU C 34 -2.51 14.08 25.04
C LEU C 34 -2.86 15.12 26.09
N LEU C 35 -2.10 15.14 27.19
CA LEU C 35 -2.31 16.05 28.30
C LEU C 35 -1.11 16.99 28.42
N PRO C 36 -1.16 18.16 27.79
CA PRO C 36 0.00 19.06 27.85
C PRO C 36 0.29 19.58 29.24
N HIS C 37 -0.72 19.71 30.10
CA HIS C 37 -0.48 20.17 31.47
C HIS C 37 0.22 19.12 32.32
N SER C 38 0.45 17.93 31.78
CA SER C 38 1.22 16.88 32.47
C SER C 38 2.57 16.65 31.82
N GLU C 39 3.10 17.67 31.13
CA GLU C 39 4.33 17.54 30.37
C GLU C 39 5.54 17.84 31.24
N TYR C 40 6.59 17.05 31.08
CA TYR C 40 7.85 17.22 31.80
C TYR C 40 8.98 17.49 30.83
N SER C 41 9.86 18.42 31.19
CA SER C 41 11.00 18.81 30.37
C SER C 41 11.93 19.65 31.23
N ARG C 42 12.90 20.29 30.61
CA ARG C 42 13.73 21.25 31.32
C ARG C 42 12.87 22.41 31.82
N PRO C 43 13.27 23.07 32.90
CA PRO C 43 12.45 24.19 33.41
C PRO C 43 12.29 25.31 32.40
N ASN C 44 13.34 25.62 31.62
CA ASN C 44 13.24 26.67 30.63
C ASN C 44 12.30 26.31 29.48
N ARG C 45 12.01 25.02 29.30
CA ARG C 45 11.13 24.46 28.27
C ARG C 45 11.58 24.75 26.85
N VAL C 46 12.83 25.16 26.65
CA VAL C 46 13.35 25.33 25.29
C VAL C 46 13.67 23.95 24.71
N PRO C 47 13.27 23.66 23.47
CA PRO C 47 13.57 22.33 22.91
C PRO C 47 15.07 22.05 22.87
N PHE C 48 15.46 20.95 23.49
CA PHE C 48 16.85 20.49 23.42
C PHE C 48 17.24 20.28 21.96
N ASN C 49 18.34 20.91 21.55
CA ASN C 49 18.83 20.77 20.19
C ASN C 49 19.03 19.30 19.86
N SER C 50 18.44 18.87 18.76
CA SER C 50 18.48 17.44 18.35
C SER C 50 19.82 17.17 17.69
N GLN C 51 20.89 17.32 18.48
CA GLN C 51 22.29 17.05 18.05
C GLN C 51 22.49 15.53 18.04
N GLY C 52 23.59 15.02 17.47
CA GLY C 52 23.72 13.55 17.51
C GLY C 52 23.76 13.08 18.95
N SER C 53 24.63 13.66 19.78
CA SER C 53 24.67 13.48 21.26
C SER C 53 24.42 12.04 21.66
N ASN C 54 23.46 11.87 22.59
CA ASN C 54 22.97 10.55 23.08
C ASN C 54 21.49 10.69 23.38
N PRO C 55 20.69 9.60 23.30
CA PRO C 55 19.23 9.66 23.45
C PRO C 55 18.68 10.04 24.82
N VAL C 56 17.56 10.75 24.84
CA VAL C 56 16.91 11.14 26.12
C VAL C 56 16.11 9.93 26.57
N ARG C 57 16.35 9.48 27.80
CA ARG C 57 15.74 8.30 28.38
C ARG C 57 14.95 8.68 29.64
N VAL C 58 14.03 7.80 30.02
CA VAL C 58 13.10 8.05 31.11
C VAL C 58 13.03 6.80 31.99
N SER C 59 12.99 7.01 33.30
CA SER C 59 12.87 5.92 34.27
C SER C 59 11.85 6.30 35.33
N PHE C 60 11.06 5.32 35.76
CA PHE C 60 10.04 5.51 36.78
C PHE C 60 10.34 4.60 37.97
N VAL C 61 9.74 4.94 39.12
CA VAL C 61 9.88 4.15 40.34
C VAL C 61 8.79 4.60 41.30
N ASN C 62 8.27 3.67 42.08
CA ASN C 62 7.26 3.94 43.09
C ASN C 62 7.84 3.71 44.47
N LEU C 63 7.53 4.62 45.39
CA LEU C 63 8.01 4.55 46.77
C LEU C 63 6.94 4.00 47.70
N ASN C 64 6.31 2.90 47.27
CA ASN C 64 5.21 2.24 47.98
C ASN C 64 3.99 3.15 48.14
N ASP C 65 3.93 4.21 47.33
CA ASP C 65 2.83 5.19 47.31
C ASP C 65 2.28 5.48 48.71
N GLN C 66 3.21 5.73 49.65
CA GLN C 66 2.81 5.98 51.03
C GLN C 66 2.01 7.26 51.18
N SER C 67 2.22 8.24 50.29
CA SER C 67 1.47 9.48 50.31
C SER C 67 0.62 9.66 49.05
N GLY C 68 0.52 8.63 48.22
CA GLY C 68 -0.23 8.73 46.98
C GLY C 68 0.54 9.40 45.86
N ASN C 69 1.39 10.36 46.23
CA ASN C 69 2.42 10.88 45.33
C ASN C 69 3.72 10.07 45.49
N GLY C 70 3.59 8.75 45.31
CA GLY C 70 4.73 7.87 45.43
C GLY C 70 5.49 7.62 44.15
N ASP C 71 5.11 8.27 43.05
CA ASP C 71 5.72 8.04 41.76
C ASP C 71 6.80 9.08 41.51
N ARG C 72 8.00 8.62 41.17
CA ARG C 72 9.14 9.48 40.91
C ARG C 72 9.59 9.34 39.46
N LEU C 73 9.97 10.46 38.85
CA LEU C 73 10.36 10.51 37.46
C LEU C 73 11.81 10.97 37.36
N CYS C 74 12.56 10.32 36.46
CA CYS C 74 13.94 10.69 36.19
C CYS C 74 14.18 10.67 34.69
N PHE C 75 14.82 11.72 34.17
CA PHE C 75 15.15 11.77 32.75
C PHE C 75 16.44 12.57 32.59
N ASN C 76 17.10 12.35 31.45
CA ASN C 76 18.33 13.05 31.12
C ASN C 76 18.16 13.84 29.83
N VAL C 77 18.74 15.04 29.80
CA VAL C 77 18.70 15.87 28.61
C VAL C 77 20.10 16.42 28.35
N GLY C 78 20.87 15.72 27.52
CA GLY C 78 22.23 16.14 27.26
C GLY C 78 23.10 16.01 28.50
N ARG C 79 23.57 17.14 29.03
CA ARG C 79 24.42 17.12 30.22
C ARG C 79 23.63 17.08 31.52
N GLU C 80 22.36 17.48 31.52
CA GLU C 80 21.60 17.57 32.75
C GLU C 80 20.82 16.29 33.01
N LEU C 81 20.47 16.08 34.28
CA LEU C 81 19.69 14.92 34.69
C LEU C 81 18.76 15.36 35.81
N TYR C 82 17.46 15.33 35.56
CA TYR C 82 16.47 15.84 36.50
C TYR C 82 15.76 14.70 37.24
N PHE C 83 15.02 15.08 38.28
CA PHE C 83 14.33 14.13 39.12
C PHE C 83 13.15 14.85 39.76
N TYR C 84 11.94 14.53 39.32
CA TYR C 84 10.73 15.21 39.75
C TYR C 84 9.76 14.23 40.41
N ILE C 85 8.64 14.76 40.89
CA ILE C 85 7.52 13.97 41.38
C ILE C 85 6.52 13.83 40.23
N TYR C 86 6.29 12.61 39.78
CA TYR C 86 5.42 12.35 38.64
C TYR C 86 3.98 12.22 39.11
N LYS C 87 3.10 13.05 38.57
CA LYS C 87 1.69 13.10 38.97
C LYS C 87 0.77 12.48 37.93
N GLY C 88 1.32 11.92 36.86
CA GLY C 88 0.52 11.17 35.90
C GLY C 88 -0.39 12.09 35.12
N VAL C 89 -1.70 11.83 35.21
CA VAL C 89 -2.67 12.60 34.45
C VAL C 89 -3.04 13.92 35.11
N ARG C 90 -2.68 14.09 36.39
CA ARG C 90 -2.85 15.36 37.06
C ARG C 90 -1.79 16.34 36.59
N LYS C 91 -1.92 17.59 37.04
CA LYS C 91 -0.97 18.63 36.63
C LYS C 91 0.43 18.28 37.09
N ALA C 92 1.39 18.41 36.17
CA ALA C 92 2.77 18.08 36.47
C ALA C 92 3.30 18.94 37.62
N ALA C 93 4.32 18.41 38.30
CA ALA C 93 4.94 19.15 39.38
C ALA C 93 5.66 20.39 38.85
N ASP C 94 5.93 21.32 39.76
CA ASP C 94 6.62 22.56 39.40
C ASP C 94 7.96 22.26 38.76
N LEU C 95 8.08 22.51 37.45
CA LEU C 95 9.32 22.23 36.73
C LEU C 95 10.46 23.12 37.21
N SER C 96 10.17 24.27 37.79
CA SER C 96 11.22 25.16 38.29
C SER C 96 11.81 24.70 39.61
N LYS C 97 11.15 23.76 40.31
CA LYS C 97 11.59 23.28 41.61
C LYS C 97 11.75 21.77 41.56
N PRO C 98 12.85 21.27 40.98
CA PRO C 98 13.11 19.83 41.00
C PRO C 98 13.42 19.35 42.41
N ILE C 99 13.38 18.03 42.56
CA ILE C 99 13.80 17.43 43.83
C ILE C 99 15.31 17.25 43.85
N ASP C 100 15.89 16.86 42.71
CA ASP C 100 17.34 16.80 42.57
C ASP C 100 17.70 17.11 41.13
N LYS C 101 18.89 17.68 40.94
CA LYS C 101 19.37 18.04 39.62
C LYS C 101 20.88 17.84 39.57
N ARG C 102 21.35 17.13 38.54
CA ARG C 102 22.76 16.82 38.39
C ARG C 102 23.26 17.37 37.05
N ILE C 103 24.43 18.01 37.07
CA ILE C 103 25.04 18.59 35.90
C ILE C 103 26.39 17.93 35.68
N TYR C 104 26.59 17.34 34.50
CA TYR C 104 27.80 16.59 34.18
C TYR C 104 28.58 17.35 33.11
N LYS C 105 29.68 17.99 33.53
CA LYS C 105 30.52 18.70 32.58
C LYS C 105 31.31 17.75 31.69
N GLY C 106 31.70 16.60 32.23
CA GLY C 106 32.45 15.62 31.48
C GLY C 106 31.61 14.81 30.50
N THR C 107 31.79 13.50 30.51
CA THR C 107 30.92 12.61 29.75
C THR C 107 29.46 12.82 30.16
N GLN C 108 28.55 12.52 29.22
CA GLN C 108 27.13 12.78 29.40
C GLN C 108 26.38 11.48 29.70
N PRO C 109 25.32 11.57 30.50
CA PRO C 109 24.51 10.38 30.78
C PRO C 109 23.80 9.89 29.53
N THR C 110 23.59 8.57 29.47
CA THR C 110 22.94 7.94 28.33
C THR C 110 21.84 6.95 28.71
N CYS C 111 21.84 6.43 29.94
CA CYS C 111 20.81 5.49 30.37
C CYS C 111 20.84 5.41 31.89
N HIS C 112 19.74 4.95 32.47
CA HIS C 112 19.61 4.87 33.92
C HIS C 112 18.43 3.98 34.27
N ASP C 113 18.40 3.56 35.53
CA ASP C 113 17.34 2.70 36.03
C ASP C 113 17.32 2.74 37.55
N PHE C 114 16.13 2.70 38.13
CA PHE C 114 15.96 2.64 39.57
C PHE C 114 15.96 1.19 40.05
N ASN C 115 16.22 1.01 41.34
CA ASN C 115 16.07 -0.28 42.00
C ASN C 115 14.72 -0.26 42.70
N HIS C 116 13.75 -0.97 42.13
CA HIS C 116 12.38 -0.93 42.63
C HIS C 116 12.23 -1.66 43.96
N LEU C 117 13.16 -2.54 44.31
CA LEU C 117 13.07 -3.27 45.57
C LEU C 117 13.51 -2.40 46.75
N THR C 118 14.77 -2.01 46.77
CA THR C 118 15.30 -1.13 47.83
C THR C 118 14.97 0.31 47.49
N ALA C 119 13.70 0.65 47.67
CA ALA C 119 13.21 1.99 47.35
C ALA C 119 12.16 2.38 48.38
N THR C 120 12.39 3.49 49.09
CA THR C 120 11.47 3.98 50.08
C THR C 120 11.53 5.51 50.08
N ALA C 121 10.69 6.12 50.92
CA ALA C 121 10.63 7.58 50.98
C ALA C 121 11.91 8.20 51.52
N GLU C 122 12.77 7.41 52.18
CA GLU C 122 14.01 7.92 52.74
C GLU C 122 15.23 7.65 51.87
N SER C 123 15.19 6.60 51.05
CA SER C 123 16.34 6.24 50.22
C SER C 123 15.86 5.56 48.95
N VAL C 124 16.40 5.99 47.81
CA VAL C 124 16.12 5.38 46.52
C VAL C 124 17.44 5.18 45.79
N SER C 125 17.69 3.96 45.34
CA SER C 125 18.91 3.63 44.62
C SER C 125 18.70 3.83 43.12
N LEU C 126 19.58 4.62 42.51
CA LEU C 126 19.49 4.93 41.08
C LEU C 126 20.89 4.96 40.49
N LEU C 127 21.16 4.07 39.54
CA LEU C 127 22.43 4.06 38.83
C LEU C 127 22.27 4.69 37.45
N VAL C 128 23.33 5.35 36.99
CA VAL C 128 23.30 6.10 35.74
C VAL C 128 24.50 5.70 34.90
N GLY C 129 24.25 5.34 33.64
CA GLY C 129 25.32 5.10 32.70
C GLY C 129 25.79 6.36 32.01
N PHE C 130 26.96 6.29 31.39
CA PHE C 130 27.52 7.43 30.69
C PHE C 130 28.15 6.99 29.38
N SER C 131 28.34 7.96 28.48
CA SER C 131 28.93 7.69 27.18
C SER C 131 30.41 7.36 27.25
N ALA C 132 31.03 7.46 28.43
CA ALA C 132 32.43 7.07 28.59
C ALA C 132 32.59 5.62 29.00
N GLY C 133 31.52 4.97 29.45
CA GLY C 133 31.58 3.62 29.98
C GLY C 133 31.33 3.54 31.47
N GLN C 134 31.32 4.67 32.16
CA GLN C 134 31.20 4.69 33.61
C GLN C 134 29.75 4.47 34.05
N VAL C 135 29.60 3.99 35.27
CA VAL C 135 28.30 3.86 35.94
C VAL C 135 28.41 4.49 37.31
N GLN C 136 27.35 5.18 37.73
CA GLN C 136 27.38 5.95 38.97
C GLN C 136 26.11 5.70 39.76
N LEU C 137 26.25 5.22 41.00
CA LEU C 137 25.12 5.03 41.89
C LEU C 137 24.77 6.35 42.56
N ILE C 138 23.48 6.69 42.59
CA ILE C 138 23.01 7.98 43.06
C ILE C 138 21.77 7.78 43.90
N ASP C 139 21.69 8.51 45.02
CA ASP C 139 20.47 8.59 45.82
C ASP C 139 19.90 9.99 45.71
N PRO C 140 18.92 10.24 44.84
CA PRO C 140 18.55 11.62 44.54
C PRO C 140 17.76 12.31 45.66
N ILE C 141 17.01 11.57 46.47
CA ILE C 141 16.18 12.25 47.48
C ILE C 141 16.98 12.67 48.70
N LYS C 142 18.17 12.09 48.93
CA LYS C 142 19.03 12.52 50.01
C LYS C 142 20.36 13.11 49.54
N LYS C 143 20.77 12.82 48.30
CA LYS C 143 21.96 13.43 47.70
C LYS C 143 23.22 13.17 48.51
N GLU C 144 23.29 12.01 49.16
CA GLU C 144 24.42 11.74 50.05
C GLU C 144 25.50 10.90 49.34
N THR C 145 25.15 9.69 48.94
CA THR C 145 26.15 8.77 48.41
C THR C 145 26.40 9.05 46.93
N SER C 146 27.54 8.57 46.45
CA SER C 146 27.93 8.68 45.04
C SER C 146 29.09 7.74 44.74
N LYS C 147 28.80 6.48 44.47
CA LYS C 147 29.82 5.47 44.20
C LYS C 147 29.95 5.29 42.70
N LEU C 148 31.15 5.54 42.18
CA LEU C 148 31.41 5.41 40.74
C LEU C 148 31.95 4.03 40.41
N PHE C 149 31.54 3.51 39.26
CA PHE C 149 31.98 2.20 38.77
C PHE C 149 32.67 2.38 37.43
N ASN C 150 33.79 1.67 37.26
CA ASN C 150 34.60 1.77 36.04
C ASN C 150 35.00 3.22 35.78
N GLU C 151 35.39 3.91 36.86
CA GLU C 151 35.76 5.32 36.73
C GLU C 151 37.04 5.51 35.94
N GLU C 152 37.95 4.55 36.01
CA GLU C 152 39.23 4.64 35.32
C GLU C 152 39.17 4.15 33.88
N ARG C 153 38.01 3.71 33.41
CA ARG C 153 37.83 3.15 32.06
C ARG C 153 38.79 2.00 31.79
N LEU C 154 39.07 1.19 32.82
CA LEU C 154 39.93 0.03 32.66
C LEU C 154 39.16 -1.22 32.31
N ILE C 155 37.90 -1.33 32.77
CA ILE C 155 37.09 -2.49 32.44
C ILE C 155 36.66 -2.45 30.98
N ASP C 156 36.12 -1.32 30.55
CA ASP C 156 35.71 -1.13 29.16
C ASP C 156 35.64 0.36 28.87
N LYS C 157 36.10 0.76 27.69
CA LYS C 157 36.19 2.17 27.33
C LYS C 157 35.04 2.64 26.44
N SER C 158 34.30 1.73 25.82
CA SER C 158 33.21 2.13 24.94
C SER C 158 32.02 2.63 25.75
N ARG C 159 31.09 3.28 25.06
CA ARG C 159 29.94 3.87 25.72
C ARG C 159 28.98 2.77 26.18
N VAL C 160 28.33 2.99 27.32
CA VAL C 160 27.32 2.07 27.81
C VAL C 160 26.00 2.37 27.12
N THR C 161 25.21 1.32 26.90
CA THR C 161 23.94 1.44 26.18
C THR C 161 22.73 1.19 27.06
N CYS C 162 22.70 0.07 27.77
CA CYS C 162 21.58 -0.30 28.62
C CYS C 162 22.07 -0.70 29.99
N VAL C 163 21.38 -0.23 31.02
CA VAL C 163 21.72 -0.55 32.42
C VAL C 163 20.43 -0.88 33.16
N LYS C 164 20.49 -1.88 34.02
CA LYS C 164 19.33 -2.29 34.80
C LYS C 164 19.79 -3.17 35.95
N TRP C 165 19.10 -3.04 37.08
CA TRP C 165 19.34 -3.91 38.22
C TRP C 165 18.86 -5.32 37.90
N VAL C 166 19.45 -6.28 38.60
CA VAL C 166 19.03 -7.68 38.45
C VAL C 166 17.69 -7.87 39.15
N PRO C 167 16.70 -8.51 38.52
CA PRO C 167 15.39 -8.70 39.17
C PRO C 167 15.51 -9.48 40.46
N GLY C 168 15.03 -8.88 41.55
CA GLY C 168 15.07 -9.49 42.85
C GLY C 168 16.34 -9.24 43.64
N SER C 169 17.45 -8.95 42.96
CA SER C 169 18.68 -8.57 43.65
C SER C 169 18.57 -7.17 44.24
N GLU C 170 19.37 -6.93 45.28
CA GLU C 170 19.50 -5.61 45.88
C GLU C 170 20.86 -4.96 45.60
N SER C 171 21.82 -5.72 45.11
CA SER C 171 23.18 -5.22 44.92
C SER C 171 23.70 -5.43 43.50
N LEU C 172 23.35 -6.55 42.87
CA LEU C 172 23.85 -6.83 41.53
C LEU C 172 23.11 -6.00 40.48
N PHE C 173 23.83 -5.64 39.42
CA PHE C 173 23.22 -5.00 38.27
C PHE C 173 24.07 -5.27 37.05
N LEU C 174 23.44 -5.22 35.88
CA LEU C 174 24.07 -5.57 34.61
C LEU C 174 24.10 -4.36 33.69
N VAL C 175 25.23 -4.16 33.03
CA VAL C 175 25.42 -3.08 32.07
C VAL C 175 25.89 -3.68 30.75
N ALA C 176 25.63 -2.95 29.66
CA ALA C 176 26.00 -3.38 28.33
C ALA C 176 26.58 -2.21 27.54
N HIS C 177 27.67 -2.45 26.83
CA HIS C 177 28.41 -1.41 26.14
C HIS C 177 28.40 -1.65 24.63
N SER C 178 28.96 -0.68 23.91
CA SER C 178 29.02 -0.75 22.45
C SER C 178 30.08 -1.70 21.94
N SER C 179 30.96 -2.20 22.81
CA SER C 179 31.94 -3.20 22.41
C SER C 179 31.32 -4.58 22.22
N GLY C 180 30.02 -4.72 22.41
CA GLY C 180 29.37 -6.01 22.38
C GLY C 180 29.71 -6.87 23.58
N ASN C 181 29.80 -6.26 24.76
CA ASN C 181 30.07 -6.97 26.00
C ASN C 181 29.10 -6.51 27.08
N MET C 182 28.89 -7.40 28.06
CA MET C 182 28.08 -7.10 29.22
C MET C 182 28.88 -7.39 30.48
N TYR C 183 28.64 -6.61 31.53
CA TYR C 183 29.40 -6.72 32.76
C TYR C 183 28.47 -6.70 33.95
N LEU C 184 28.64 -7.69 34.83
CA LEU C 184 27.86 -7.78 36.07
C LEU C 184 28.65 -7.14 37.20
N TYR C 185 28.01 -6.24 37.93
CA TYR C 185 28.65 -5.48 39.00
C TYR C 185 28.00 -5.81 40.34
N ASN C 186 28.53 -5.18 41.39
CA ASN C 186 27.98 -5.29 42.73
C ASN C 186 28.23 -3.97 43.45
N VAL C 187 27.20 -3.48 44.15
CA VAL C 187 27.31 -2.19 44.83
C VAL C 187 28.34 -2.26 45.95
N GLU C 188 28.40 -3.40 46.66
CA GLU C 188 29.29 -3.51 47.80
C GLU C 188 30.75 -3.62 47.38
N HIS C 189 31.02 -4.18 46.21
CA HIS C 189 32.40 -4.40 45.77
C HIS C 189 33.02 -3.10 45.28
N THR C 190 34.32 -3.16 45.00
CA THR C 190 35.08 -2.04 44.47
C THR C 190 35.82 -2.48 43.22
N CYS C 191 36.03 -1.54 42.31
CA CYS C 191 36.69 -1.83 41.06
C CYS C 191 38.20 -1.87 41.23
N GLY C 192 38.87 -2.56 40.31
CA GLY C 192 40.32 -2.65 40.37
C GLY C 192 41.00 -1.35 40.02
N THR C 193 42.27 -1.25 40.41
CA THR C 193 43.13 -0.17 39.95
C THR C 193 43.83 -0.49 38.63
N THR C 194 43.73 -1.73 38.15
CA THR C 194 44.31 -2.12 36.88
C THR C 194 43.27 -2.89 36.07
N ALA C 195 43.62 -3.18 34.82
CA ALA C 195 42.72 -3.93 33.95
C ALA C 195 42.51 -5.34 34.52
N PRO C 196 41.27 -5.75 34.75
CA PRO C 196 41.04 -7.07 35.36
C PRO C 196 41.33 -8.20 34.39
N HIS C 197 41.90 -9.28 34.92
CA HIS C 197 42.19 -10.48 34.15
C HIS C 197 41.01 -11.43 34.25
N TYR C 198 40.59 -11.98 33.11
CA TYR C 198 39.40 -12.83 33.04
C TYR C 198 39.79 -14.28 32.86
N GLN C 199 38.91 -15.16 33.33
CA GLN C 199 39.03 -16.60 33.14
C GLN C 199 37.74 -17.12 32.54
N LEU C 200 37.87 -18.01 31.55
CA LEU C 200 36.72 -18.46 30.80
C LEU C 200 35.78 -19.29 31.67
N LEU C 201 34.48 -19.14 31.43
CA LEU C 201 33.45 -19.89 32.14
C LEU C 201 32.58 -20.71 31.21
N LYS C 202 32.11 -20.13 30.11
CA LYS C 202 31.23 -20.83 29.18
C LYS C 202 31.42 -20.26 27.78
N GLN C 203 31.80 -21.11 26.84
CA GLN C 203 31.88 -20.74 25.43
C GLN C 203 30.65 -21.28 24.72
N GLY C 204 30.12 -20.50 23.78
CA GLY C 204 28.89 -20.86 23.11
C GLY C 204 28.86 -20.37 21.68
N GLU C 205 27.76 -20.69 20.99
CA GLU C 205 27.51 -20.19 19.65
C GLU C 205 27.48 -18.67 19.61
N SER C 206 28.57 -18.06 19.15
CA SER C 206 28.67 -16.61 18.94
C SER C 206 28.48 -15.82 20.24
N PHE C 207 28.89 -16.40 21.36
CA PHE C 207 28.90 -15.68 22.63
C PHE C 207 29.86 -16.38 23.58
N ALA C 208 30.34 -15.60 24.56
CA ALA C 208 31.31 -16.11 25.52
C ALA C 208 31.09 -15.42 26.86
N VAL C 209 31.26 -16.18 27.94
CA VAL C 209 31.12 -15.66 29.30
C VAL C 209 32.40 -15.98 30.06
N HIS C 210 32.93 -14.98 30.77
CA HIS C 210 34.15 -15.13 31.54
C HIS C 210 33.88 -14.71 32.99
N THR C 211 34.88 -14.91 33.84
CA THR C 211 34.80 -14.50 35.24
C THR C 211 36.14 -13.90 35.65
N CYS C 212 36.08 -13.02 36.64
CA CYS C 212 37.27 -12.29 37.09
C CYS C 212 38.14 -13.20 37.94
N LYS C 213 39.36 -13.47 37.48
CA LYS C 213 40.32 -14.28 38.23
C LYS C 213 41.02 -13.38 39.24
N SER C 214 40.46 -13.33 40.44
CA SER C 214 41.00 -12.50 41.51
C SER C 214 40.61 -13.06 42.86
N LYS C 215 41.58 -13.15 43.77
CA LYS C 215 41.28 -13.59 45.13
C LYS C 215 40.42 -12.57 45.85
N SER C 216 40.81 -11.30 45.79
CA SER C 216 39.97 -10.24 46.34
C SER C 216 38.73 -10.04 45.46
N THR C 217 37.64 -9.61 46.09
CA THR C 217 36.38 -9.44 45.39
C THR C 217 36.41 -8.24 44.46
N ARG C 218 36.85 -8.45 43.23
CA ARG C 218 36.82 -7.39 42.23
C ARG C 218 35.38 -7.15 41.76
N ASN C 219 35.14 -5.93 41.27
CA ASN C 219 33.80 -5.51 40.94
C ASN C 219 33.26 -6.17 39.67
N PRO C 220 34.05 -6.29 38.57
CA PRO C 220 33.55 -7.04 37.41
C PRO C 220 33.35 -8.51 37.73
N LEU C 221 32.13 -8.88 38.14
CA LEU C 221 31.87 -10.26 38.52
C LEU C 221 32.01 -11.20 37.31
N LEU C 222 31.58 -10.75 36.14
CA LEU C 222 31.70 -11.57 34.94
C LEU C 222 31.59 -10.68 33.72
N LYS C 223 32.29 -11.07 32.66
CA LYS C 223 32.27 -10.39 31.37
C LYS C 223 31.50 -11.25 30.38
N TRP C 224 30.40 -10.71 29.86
CA TRP C 224 29.48 -11.45 28.99
C TRP C 224 29.60 -10.90 27.57
N THR C 225 30.42 -11.56 26.76
CA THR C 225 30.58 -11.16 25.37
C THR C 225 29.44 -11.72 24.53
N VAL C 226 28.75 -10.85 23.81
CA VAL C 226 27.54 -11.20 23.07
C VAL C 226 27.75 -10.78 21.62
N GLY C 227 28.16 -11.72 20.77
CA GLY C 227 28.23 -11.54 19.33
C GLY C 227 29.12 -10.39 18.87
N GLU C 228 28.97 -10.10 17.58
CA GLU C 228 29.64 -8.96 16.95
C GLU C 228 28.76 -7.72 17.05
N GLY C 229 29.41 -6.56 16.92
CA GLY C 229 28.70 -5.29 16.92
C GLY C 229 28.22 -4.89 18.32
N ALA C 230 27.66 -3.69 18.37
CA ALA C 230 27.27 -3.10 19.65
C ALA C 230 25.96 -3.71 20.15
N LEU C 231 25.93 -4.00 21.44
CA LEU C 231 24.72 -4.50 22.08
C LEU C 231 23.83 -3.30 22.39
N ASN C 232 22.69 -3.20 21.69
CA ASN C 232 21.88 -2.00 21.75
C ASN C 232 20.98 -1.98 22.98
N GLU C 233 20.42 -3.13 23.36
CA GLU C 233 19.54 -3.19 24.52
C GLU C 233 19.42 -4.63 25.00
N PHE C 234 19.21 -4.79 26.30
CA PHE C 234 18.83 -6.07 26.89
C PHE C 234 17.61 -5.88 27.75
N ALA C 235 16.88 -6.96 27.98
CA ALA C 235 15.65 -6.91 28.77
C ALA C 235 15.44 -8.24 29.45
N PHE C 236 15.32 -8.22 30.77
CA PHE C 236 15.02 -9.44 31.52
C PHE C 236 13.58 -9.86 31.31
N SER C 237 13.35 -11.16 31.44
CA SER C 237 12.00 -11.68 31.40
C SER C 237 11.20 -11.18 32.61
N PRO C 238 9.88 -11.06 32.48
CA PRO C 238 9.08 -10.64 33.65
C PRO C 238 9.29 -11.52 34.87
N ASP C 239 9.47 -12.82 34.68
CA ASP C 239 9.77 -13.70 35.82
C ASP C 239 11.18 -13.47 36.34
N GLY C 240 12.11 -13.09 35.45
CA GLY C 240 13.49 -12.87 35.81
C GLY C 240 14.45 -13.91 35.25
N LYS C 241 13.95 -15.09 34.88
CA LYS C 241 14.83 -16.22 34.60
C LYS C 241 15.64 -16.03 33.31
N PHE C 242 15.10 -15.30 32.34
CA PHE C 242 15.74 -15.22 31.03
C PHE C 242 16.10 -13.77 30.70
N LEU C 243 17.06 -13.63 29.78
CA LEU C 243 17.60 -12.34 29.37
C LEU C 243 17.64 -12.30 27.85
N ALA C 244 16.93 -11.33 27.27
CA ALA C 244 16.88 -11.14 25.83
C ALA C 244 17.80 -10.00 25.42
N CYS C 245 18.72 -10.28 24.50
CA CYS C 245 19.71 -9.31 24.05
C CYS C 245 19.60 -9.10 22.54
N VAL C 246 19.77 -7.85 22.12
CA VAL C 246 19.81 -7.50 20.70
C VAL C 246 21.13 -6.76 20.43
N SER C 247 21.76 -7.08 19.31
CA SER C 247 23.05 -6.50 18.95
C SER C 247 22.96 -5.83 17.59
N GLN C 248 24.02 -5.12 17.24
CA GLN C 248 24.05 -4.39 15.97
C GLN C 248 24.15 -5.31 14.76
N ASP C 249 24.67 -6.52 14.94
CA ASP C 249 24.77 -7.46 13.82
C ASP C 249 23.42 -8.06 13.43
N GLY C 250 22.36 -7.75 14.16
CA GLY C 250 21.03 -8.19 13.78
C GLY C 250 20.57 -9.50 14.37
N PHE C 251 21.20 -9.97 15.44
CA PHE C 251 20.82 -11.21 16.10
C PHE C 251 20.17 -10.92 17.45
N LEU C 252 18.97 -11.45 17.63
CA LEU C 252 18.30 -11.46 18.94
C LEU C 252 18.70 -12.74 19.65
N ARG C 253 19.43 -12.60 20.76
CA ARG C 253 19.93 -13.74 21.53
C ARG C 253 19.28 -13.71 22.91
N VAL C 254 18.48 -14.72 23.21
CA VAL C 254 17.86 -14.87 24.52
C VAL C 254 18.61 -15.95 25.29
N PHE C 255 19.01 -15.61 26.51
CA PHE C 255 19.80 -16.51 27.34
C PHE C 255 19.02 -16.89 28.60
N ASN C 256 19.43 -18.00 29.21
CA ASN C 256 18.98 -18.37 30.54
C ASN C 256 19.92 -17.73 31.54
N PHE C 257 19.39 -16.82 32.37
CA PHE C 257 20.26 -16.03 33.24
C PHE C 257 20.92 -16.89 34.31
N ASP C 258 20.18 -17.83 34.90
CA ASP C 258 20.76 -18.68 35.93
C ASP C 258 21.72 -19.71 35.33
N SER C 259 21.28 -20.39 34.27
CA SER C 259 22.09 -21.44 33.66
C SER C 259 23.22 -20.89 32.80
N VAL C 260 23.12 -19.65 32.34
CA VAL C 260 24.13 -19.02 31.50
C VAL C 260 24.37 -19.88 30.26
N GLU C 261 23.36 -19.99 29.40
CA GLU C 261 23.50 -20.71 28.15
C GLU C 261 22.44 -20.22 27.17
N LEU C 262 22.68 -20.49 25.89
CA LEU C 262 21.84 -19.96 24.83
C LEU C 262 20.50 -20.70 24.78
N HIS C 263 19.42 -19.94 24.71
CA HIS C 263 18.06 -20.49 24.61
C HIS C 263 17.49 -20.41 23.20
N GLY C 264 17.77 -19.34 22.48
CA GLY C 264 17.25 -19.19 21.13
C GLY C 264 17.86 -17.98 20.46
N THR C 265 17.86 -18.02 19.13
CA THR C 265 18.42 -16.95 18.32
C THR C 265 17.44 -16.60 17.20
N MET C 266 17.59 -15.38 16.68
CA MET C 266 16.79 -14.90 15.57
C MET C 266 17.56 -13.83 14.83
N LYS C 267 17.62 -13.96 13.50
CA LYS C 267 18.29 -12.98 12.65
C LYS C 267 17.27 -12.05 12.02
N SER C 268 17.57 -10.77 12.03
CA SER C 268 16.70 -9.79 11.38
C SER C 268 16.69 -10.00 9.87
N TYR C 269 15.65 -9.46 9.23
CA TYR C 269 15.60 -9.51 7.77
C TYR C 269 16.82 -8.85 7.17
N PHE C 270 17.21 -7.69 7.71
CA PHE C 270 18.49 -7.05 7.42
C PHE C 270 18.69 -5.94 8.44
N GLY C 271 19.93 -5.46 8.52
CA GLY C 271 20.22 -4.33 9.39
C GLY C 271 20.77 -4.72 10.74
N GLY C 272 20.04 -4.39 11.80
CA GLY C 272 20.47 -4.71 13.14
C GLY C 272 19.53 -4.18 14.20
N LEU C 273 19.29 -4.97 15.25
CA LEU C 273 18.12 -4.81 16.09
C LEU C 273 18.42 -3.81 17.20
N LEU C 274 17.59 -2.75 17.27
CA LEU C 274 17.85 -1.65 18.19
C LEU C 274 17.21 -1.85 19.56
N CYS C 275 15.97 -2.33 19.61
CA CYS C 275 15.23 -2.45 20.86
C CYS C 275 14.65 -3.85 20.99
N VAL C 276 14.19 -4.15 22.21
CA VAL C 276 13.65 -5.47 22.53
C VAL C 276 12.85 -5.35 23.82
N CYS C 277 11.81 -6.17 23.94
CA CYS C 277 11.00 -6.19 25.16
C CYS C 277 10.26 -7.51 25.24
N TRP C 278 9.72 -7.79 26.42
CA TRP C 278 9.01 -9.03 26.69
C TRP C 278 7.51 -8.75 26.83
N SER C 279 6.71 -9.77 26.50
CA SER C 279 5.29 -9.72 26.77
C SER C 279 5.05 -9.87 28.26
N PRO C 280 3.87 -9.45 28.75
CA PRO C 280 3.63 -9.53 30.20
C PRO C 280 3.71 -10.95 30.75
N ASP C 281 3.18 -11.94 30.03
CA ASP C 281 3.28 -13.33 30.48
C ASP C 281 4.61 -13.96 30.10
N GLY C 282 5.43 -13.30 29.28
CA GLY C 282 6.73 -13.83 28.93
C GLY C 282 6.72 -14.89 27.86
N LYS C 283 5.65 -15.00 27.08
CA LYS C 283 5.59 -15.98 26.00
C LYS C 283 6.11 -15.46 24.67
N TYR C 284 6.20 -14.14 24.50
CA TYR C 284 6.56 -13.56 23.21
C TYR C 284 7.56 -12.43 23.41
N ILE C 285 8.28 -12.12 22.33
CA ILE C 285 9.26 -11.05 22.30
C ILE C 285 9.10 -10.31 20.97
N VAL C 286 8.96 -8.98 21.03
CA VAL C 286 8.93 -8.16 19.83
C VAL C 286 10.23 -7.37 19.75
N THR C 287 10.67 -7.11 18.52
CA THR C 287 12.00 -6.54 18.29
C THR C 287 11.94 -5.52 17.17
N GLY C 288 12.44 -4.33 17.44
CA GLY C 288 12.60 -3.31 16.42
C GLY C 288 14.04 -3.26 15.92
N GLY C 289 14.20 -2.88 14.66
CA GLY C 289 15.52 -2.82 14.08
C GLY C 289 15.68 -1.84 12.93
N GLU C 290 16.76 -2.00 12.16
CA GLU C 290 17.11 -1.07 11.10
C GLU C 290 16.36 -1.33 9.80
N ASP C 291 15.38 -2.23 9.80
CA ASP C 291 14.59 -2.53 8.61
C ASP C 291 13.18 -1.94 8.71
N ASP C 292 12.99 -0.96 9.58
CA ASP C 292 11.69 -0.31 9.80
C ASP C 292 10.60 -1.29 10.23
N LEU C 293 11.00 -2.45 10.75
CA LEU C 293 10.08 -3.53 11.04
C LEU C 293 10.13 -3.91 12.52
N VAL C 294 8.97 -4.19 13.09
CA VAL C 294 8.86 -4.88 14.38
C VAL C 294 8.66 -6.36 14.09
N THR C 295 9.26 -7.21 14.92
CA THR C 295 9.28 -8.64 14.68
C THR C 295 8.84 -9.37 15.94
N VAL C 296 7.73 -10.09 15.85
CA VAL C 296 7.20 -10.86 16.97
C VAL C 296 7.84 -12.25 16.96
N TRP C 297 8.26 -12.72 18.13
CA TRP C 297 9.00 -13.96 18.26
C TRP C 297 8.43 -14.78 19.41
N SER C 298 8.16 -16.06 19.14
CA SER C 298 7.60 -16.93 20.17
C SER C 298 8.70 -17.51 21.03
N PHE C 299 8.49 -17.53 22.34
CA PHE C 299 9.50 -18.02 23.26
C PHE C 299 9.47 -19.54 23.38
N VAL C 300 8.27 -20.12 23.47
CA VAL C 300 8.17 -21.57 23.65
C VAL C 300 8.57 -22.31 22.38
N ASP C 301 8.26 -21.75 21.21
CA ASP C 301 8.55 -22.40 19.94
C ASP C 301 9.86 -21.95 19.31
N CYS C 302 10.41 -20.82 19.74
CA CYS C 302 11.66 -20.28 19.19
C CYS C 302 11.55 -20.10 17.68
N ARG C 303 10.55 -19.32 17.27
CA ARG C 303 10.31 -19.08 15.85
C ARG C 303 9.61 -17.74 15.69
N VAL C 304 9.79 -17.14 14.52
CA VAL C 304 9.13 -15.88 14.19
C VAL C 304 7.69 -16.17 13.83
N ILE C 305 6.76 -15.42 14.43
CA ILE C 305 5.34 -15.64 14.18
C ILE C 305 4.68 -14.49 13.43
N ALA C 306 5.29 -13.31 13.38
CA ALA C 306 4.69 -12.17 12.70
C ALA C 306 5.75 -11.11 12.46
N ARG C 307 5.42 -10.17 11.58
CA ARG C 307 6.24 -9.00 11.31
C ARG C 307 5.34 -7.80 11.10
N GLY C 308 5.84 -6.61 11.44
CA GLY C 308 4.99 -5.42 11.30
C GLY C 308 5.67 -4.34 10.49
N HIS C 309 4.99 -3.83 9.46
CA HIS C 309 5.55 -2.72 8.66
C HIS C 309 4.64 -1.51 8.82
N GLY C 310 5.05 -0.52 9.62
CA GLY C 310 4.25 0.69 9.79
C GLY C 310 5.11 1.91 10.04
N HIS C 311 6.42 1.77 9.97
CA HIS C 311 7.31 2.91 10.30
C HIS C 311 8.03 3.39 9.05
N LYS C 312 8.32 4.70 9.00
CA LYS C 312 9.06 5.31 7.90
C LYS C 312 10.57 5.30 8.12
N SER C 313 11.03 4.97 9.31
CA SER C 313 12.46 4.96 9.61
C SER C 313 12.72 3.82 10.60
N TRP C 314 13.89 3.86 11.25
CA TRP C 314 14.27 2.82 12.18
C TRP C 314 13.42 2.87 13.44
N VAL C 315 13.22 1.70 14.05
CA VAL C 315 12.45 1.59 15.29
C VAL C 315 13.39 1.83 16.47
N SER C 316 12.92 2.59 17.45
CA SER C 316 13.72 2.98 18.60
C SER C 316 13.34 2.24 19.88
N VAL C 317 12.06 2.19 20.21
CA VAL C 317 11.60 1.57 21.45
C VAL C 317 10.36 0.73 21.15
N VAL C 318 10.30 -0.46 21.76
CA VAL C 318 9.12 -1.32 21.69
C VAL C 318 8.72 -1.69 23.12
N ALA C 319 7.43 -1.86 23.33
CA ALA C 319 6.92 -2.15 24.67
C ALA C 319 5.53 -2.75 24.57
N PHE C 320 5.25 -3.72 25.44
CA PHE C 320 3.93 -4.31 25.56
C PHE C 320 3.09 -3.51 26.55
N ASP C 321 1.77 -3.52 26.32
CA ASP C 321 0.83 -2.82 27.19
C ASP C 321 0.09 -3.82 28.05
N PRO C 322 0.48 -4.01 29.32
CA PRO C 322 -0.21 -5.00 30.15
C PRO C 322 -1.64 -4.62 30.51
N TYR C 323 -2.01 -3.34 30.40
CA TYR C 323 -3.32 -2.88 30.83
C TYR C 323 -4.37 -2.99 29.74
N THR C 324 -3.99 -3.35 28.52
CA THR C 324 -4.93 -3.67 27.44
C THR C 324 -4.55 -5.00 26.79
N THR C 325 -4.33 -6.01 27.63
CA THR C 325 -3.95 -7.35 27.19
C THR C 325 -4.83 -8.36 27.89
N SER C 326 -5.39 -9.30 27.11
CA SER C 326 -6.27 -10.34 27.63
C SER C 326 -5.57 -11.69 27.44
N GLY C 327 -5.04 -12.24 28.52
CA GLY C 327 -4.39 -13.54 28.49
C GLY C 327 -5.30 -14.62 29.04
N GLY C 328 -5.30 -15.78 28.37
CA GLY C 328 -6.14 -16.87 28.80
C GLY C 328 -7.60 -16.61 28.50
N GLY C 329 -8.47 -17.19 29.32
CA GLY C 329 -9.90 -17.04 29.15
C GLY C 329 -10.62 -18.36 28.98
N SER C 331 -13.79 -17.78 28.51
CA SER C 331 -13.64 -18.39 27.19
C SER C 331 -13.28 -17.33 26.15
N VAL C 332 -12.74 -16.20 26.61
CA VAL C 332 -12.36 -15.13 25.69
C VAL C 332 -11.07 -15.51 24.97
N SER C 333 -10.87 -14.92 23.80
CA SER C 333 -9.70 -15.21 22.99
C SER C 333 -8.47 -14.48 23.51
N VAL C 334 -7.31 -15.07 23.26
CA VAL C 334 -6.05 -14.47 23.67
C VAL C 334 -5.71 -13.32 22.74
N THR C 335 -5.39 -12.16 23.30
CA THR C 335 -5.04 -10.99 22.52
C THR C 335 -4.03 -10.15 23.28
N TYR C 336 -3.02 -9.66 22.57
CA TYR C 336 -1.99 -8.80 23.14
C TYR C 336 -2.04 -7.42 22.50
N ARG C 337 -1.43 -6.46 23.19
CA ARG C 337 -1.30 -5.10 22.68
C ARG C 337 0.12 -4.61 22.98
N PHE C 338 0.82 -4.15 21.95
CA PHE C 338 2.15 -3.58 22.13
C PHE C 338 2.33 -2.41 21.19
N GLY C 339 3.17 -1.47 21.60
CA GLY C 339 3.45 -0.27 20.84
C GLY C 339 4.91 -0.21 20.43
N SER C 340 5.18 0.51 19.34
CA SER C 340 6.52 0.88 18.98
C SER C 340 6.60 2.37 18.64
N VAL C 341 7.76 2.96 18.90
CA VAL C 341 8.08 4.31 18.48
C VAL C 341 9.40 4.25 17.72
N GLY C 342 9.54 5.10 16.70
CA GLY C 342 10.67 5.05 15.80
C GLY C 342 11.32 6.40 15.63
N GLN C 343 12.45 6.39 14.91
CA GLN C 343 13.13 7.63 14.54
C GLN C 343 12.34 8.44 13.52
N ASP C 344 11.22 7.91 13.02
CA ASP C 344 10.33 8.66 12.13
C ASP C 344 9.34 9.54 12.89
N THR C 345 9.56 9.73 14.20
CA THR C 345 8.72 10.59 15.04
C THR C 345 7.27 10.09 15.10
N GLN C 346 7.05 8.80 14.88
CA GLN C 346 5.71 8.24 14.83
C GLN C 346 5.53 7.16 15.89
N LEU C 347 4.29 7.04 16.36
CA LEU C 347 3.91 6.03 17.34
C LEU C 347 2.96 5.04 16.68
N CYS C 348 3.25 3.74 16.82
CA CYS C 348 2.43 2.68 16.27
C CYS C 348 1.91 1.80 17.39
N LEU C 349 0.67 1.34 17.25
CA LEU C 349 0.07 0.37 18.15
C LEU C 349 -0.31 -0.87 17.35
N TRP C 350 -0.04 -2.05 17.92
CA TRP C 350 -0.23 -3.30 17.23
C TRP C 350 -1.10 -4.23 18.07
N ASP C 351 -1.84 -5.10 17.38
CA ASP C 351 -2.66 -6.11 18.03
C ASP C 351 -2.19 -7.50 17.60
N LEU C 352 -1.96 -8.37 18.58
CA LEU C 352 -1.69 -9.77 18.33
C LEU C 352 -2.94 -10.57 18.71
N THR C 353 -3.53 -11.25 17.73
CA THR C 353 -4.73 -12.04 17.96
C THR C 353 -4.47 -13.49 17.54
N GLU C 354 -5.46 -14.34 17.82
CA GLU C 354 -5.26 -15.78 17.66
C GLU C 354 -5.06 -16.18 16.21
N ASP C 355 -5.58 -15.41 15.27
CA ASP C 355 -5.35 -15.72 13.86
C ASP C 355 -3.88 -15.55 13.49
N ILE C 356 -3.16 -14.68 14.19
CA ILE C 356 -1.74 -14.49 13.96
C ILE C 356 -0.91 -15.36 14.88
N LEU C 357 -1.33 -15.51 16.14
CA LEU C 357 -0.60 -16.34 17.09
C LEU C 357 -0.72 -17.81 16.72
N PHE C 358 -1.97 -18.27 16.65
CA PHE C 358 -2.31 -19.68 16.36
C PHE C 358 -3.00 -19.72 15.00
N PRO C 359 -2.24 -19.72 13.90
CA PRO C 359 -2.82 -19.66 12.56
C PRO C 359 -3.74 -20.78 12.08
N HIS C 360 -3.38 -22.04 12.32
CA HIS C 360 -4.25 -23.14 11.84
C HIS C 360 -5.40 -23.36 12.82
N LEU C 384 22.34 -14.47 7.09
CA LEU C 384 21.45 -14.40 5.90
C LEU C 384 20.61 -15.67 5.84
N GLY C 385 20.81 -16.60 6.78
CA GLY C 385 20.01 -17.83 6.74
C GLY C 385 18.54 -17.50 6.87
N THR C 386 17.68 -18.13 6.07
CA THR C 386 16.22 -17.84 6.13
C THR C 386 15.46 -18.76 7.10
N PRO C 387 15.93 -19.97 7.45
CA PRO C 387 15.20 -20.85 8.36
C PRO C 387 15.02 -20.21 9.74
N LEU C 388 16.05 -19.53 10.23
CA LEU C 388 15.90 -18.81 11.52
C LEU C 388 15.65 -17.34 11.19
N CYS C 389 15.43 -17.06 9.89
CA CYS C 389 15.05 -15.72 9.43
C CYS C 389 14.08 -15.92 8.27
N PRO C 390 12.82 -16.25 8.56
CA PRO C 390 11.89 -16.66 7.51
C PRO C 390 11.69 -15.59 6.45
N ARG C 391 11.33 -16.05 5.25
CA ARG C 391 11.05 -15.14 4.16
C ARG C 391 9.77 -14.36 4.43
N MET C 392 9.59 -13.28 3.66
CA MET C 392 8.42 -12.42 3.87
C MET C 392 7.12 -13.15 3.53
N GLU C 393 7.17 -14.14 2.65
CA GLU C 393 5.96 -14.89 2.29
C GLU C 393 5.62 -15.95 3.33
N ASP C 394 6.58 -16.37 4.15
CA ASP C 394 6.38 -17.44 5.11
C ASP C 394 5.93 -16.93 6.48
N VAL C 395 5.76 -15.62 6.65
CA VAL C 395 5.42 -15.06 7.96
C VAL C 395 4.33 -14.01 7.77
N PRO C 396 3.34 -13.94 8.67
CA PRO C 396 2.32 -12.88 8.55
C PRO C 396 2.94 -11.50 8.63
N LEU C 397 2.27 -10.54 7.99
CA LEU C 397 2.70 -9.14 7.96
C LEU C 397 1.62 -8.30 8.62
N LEU C 398 1.92 -7.74 9.78
CA LEU C 398 0.95 -6.99 10.56
C LEU C 398 0.86 -5.55 10.08
N GLU C 399 -0.30 -4.94 10.30
CA GLU C 399 -0.53 -3.53 10.07
C GLU C 399 -0.95 -2.85 11.37
N PRO C 400 -0.47 -1.65 11.64
CA PRO C 400 -0.75 -1.01 12.93
C PRO C 400 -2.21 -0.59 13.05
N LEU C 401 -2.68 -0.55 14.30
CA LEU C 401 -3.99 0.04 14.57
C LEU C 401 -3.97 1.54 14.31
N ILE C 402 -2.93 2.22 14.82
CA ILE C 402 -2.73 3.64 14.60
C ILE C 402 -1.27 3.85 14.19
N CYS C 403 -1.03 4.98 13.54
CA CYS C 403 0.32 5.39 13.14
C CYS C 403 0.33 6.92 13.06
N LYS C 404 0.62 7.54 14.21
CA LYS C 404 0.50 8.98 14.36
C LYS C 404 1.86 9.61 14.65
N LYS C 405 2.13 10.73 14.00
CA LYS C 405 3.29 11.55 14.32
C LYS C 405 2.99 12.33 15.59
N ILE C 406 3.84 12.17 16.61
CA ILE C 406 3.54 12.73 17.93
C ILE C 406 4.67 13.62 18.42
N ALA C 407 5.67 13.87 17.59
CA ALA C 407 6.80 14.68 18.00
C ALA C 407 7.49 15.25 16.78
N HIS C 408 8.25 16.33 17.01
CA HIS C 408 9.06 16.93 15.95
C HIS C 408 10.39 16.23 15.78
N GLU C 409 10.88 15.54 16.81
CA GLU C 409 12.15 14.84 16.78
C GLU C 409 11.94 13.36 17.00
N ARG C 410 13.01 12.59 16.75
CA ARG C 410 12.97 11.15 16.89
C ARG C 410 12.58 10.75 18.31
N LEU C 411 11.72 9.75 18.42
CA LEU C 411 11.24 9.29 19.70
C LEU C 411 12.24 8.32 20.32
N THR C 412 12.34 8.37 21.66
CA THR C 412 13.29 7.52 22.38
C THR C 412 12.71 6.90 23.64
N VAL C 413 11.44 7.11 23.95
CA VAL C 413 10.84 6.61 25.19
C VAL C 413 9.42 6.15 24.88
N LEU C 414 9.06 4.96 25.37
CA LEU C 414 7.69 4.46 25.26
C LEU C 414 7.41 3.58 26.47
N ILE C 415 6.65 4.10 27.43
CA ILE C 415 6.36 3.40 28.67
C ILE C 415 4.84 3.33 28.83
N PHE C 416 4.33 2.14 29.14
CA PHE C 416 2.91 1.93 29.36
C PHE C 416 2.63 1.90 30.86
N LEU C 417 1.76 2.79 31.31
CA LEU C 417 1.38 2.91 32.71
C LEU C 417 -0.10 2.58 32.88
N GLU C 418 -0.57 2.59 34.13
CA GLU C 418 -1.95 2.20 34.41
C GLU C 418 -2.94 3.23 33.88
N ASP C 419 -2.63 4.51 34.06
CA ASP C 419 -3.54 5.58 33.67
C ASP C 419 -3.17 6.26 32.37
N CYS C 420 -1.99 5.99 31.82
CA CYS C 420 -1.51 6.79 30.70
C CYS C 420 -0.38 6.08 29.98
N ILE C 421 -0.08 6.59 28.78
CA ILE C 421 1.10 6.20 28.02
C ILE C 421 2.09 7.35 28.06
N VAL C 422 3.38 7.02 28.15
CA VAL C 422 4.44 8.02 28.27
C VAL C 422 5.36 7.88 27.06
N THR C 423 5.54 8.98 26.34
CA THR C 423 6.47 9.07 25.22
C THR C 423 7.42 10.23 25.44
N ALA C 424 8.52 10.23 24.69
CA ALA C 424 9.48 11.31 24.76
C ALA C 424 10.30 11.33 23.48
N CYS C 425 10.70 12.54 23.08
CA CYS C 425 11.48 12.76 21.87
C CYS C 425 12.89 13.21 22.24
N GLN C 426 13.72 13.40 21.21
CA GLN C 426 15.09 13.85 21.42
C GLN C 426 15.14 15.29 21.95
N GLU C 427 14.07 16.06 21.78
CA GLU C 427 14.01 17.41 22.30
C GLU C 427 13.76 17.46 23.80
N GLY C 428 13.56 16.31 24.45
CA GLY C 428 13.45 16.27 25.89
C GLY C 428 12.10 16.65 26.45
N PHE C 429 11.03 16.38 25.73
CA PHE C 429 9.67 16.57 26.23
C PHE C 429 9.07 15.21 26.58
N ILE C 430 8.68 15.04 27.84
CA ILE C 430 8.12 13.80 28.33
C ILE C 430 6.60 13.95 28.30
N CYS C 431 5.98 13.44 27.23
CA CYS C 431 4.55 13.62 27.03
C CYS C 431 3.76 12.51 27.71
N THR C 432 2.57 12.87 28.18
CA THR C 432 1.69 11.96 28.91
C THR C 432 0.36 11.88 28.18
N TRP C 433 -0.02 10.66 27.77
CA TRP C 433 -1.24 10.42 26.99
C TRP C 433 -2.26 9.74 27.88
N GLY C 434 -3.32 10.47 28.23
CA GLY C 434 -4.34 9.91 29.11
C GLY C 434 -5.12 8.81 28.43
N ARG C 435 -5.22 7.65 29.09
CA ARG C 435 -6.08 6.57 28.62
C ARG C 435 -7.55 6.98 28.66
N PRO C 436 -8.39 6.33 27.86
CA PRO C 436 -9.82 6.64 27.90
C PRO C 436 -10.41 6.32 29.27
N GLY C 437 -11.07 7.32 29.86
CA GLY C 437 -11.68 7.19 31.16
C GLY C 437 -10.74 7.41 32.34
N LYS C 438 -9.43 7.45 32.11
CA LYS C 438 -8.45 7.67 33.16
C LYS C 438 -8.05 9.14 33.28
N VAL C 439 -8.72 10.04 32.58
CA VAL C 439 -8.32 11.45 32.60
C VAL C 439 -8.90 12.15 33.83
N VAL C 440 -10.13 11.80 34.23
CA VAL C 440 -10.81 12.46 35.32
C VAL C 440 -11.34 11.40 36.29
N SER C 441 -11.18 11.65 37.59
CA SER C 441 -11.75 10.82 38.64
C SER C 441 -12.81 11.60 39.39
N PHE C 442 -13.76 10.87 39.97
CA PHE C 442 -14.89 11.47 40.68
C PHE C 442 -15.00 10.85 42.06
N ASN C 443 -14.94 11.69 43.09
CA ASN C 443 -15.05 11.23 44.47
C ASN C 443 -16.04 12.09 45.25
#